data_7L50
#
_entry.id   7L50
#
_cell.length_a   62.894
_cell.length_b   127.168
_cell.length_c   119.675
_cell.angle_alpha   90.000
_cell.angle_beta   73.673
_cell.angle_gamma   90.000
#
_symmetry.space_group_name_H-M   'P 1 21 1'
#
loop_
_entity.id
_entity.type
_entity.pdbx_description
1 polymer 'Monoglyceride lipase'
2 non-polymer 'ACETATE ION'
3 non-polymer (2s,4R)-2-{3-[(3-chloro-4-methylphenyl)methoxy]azetidine-1-carbonyl}-7-oxa-5-azaspiro[3.4]octan-6-one
4 water water
#
_entity_poly.entity_id   1
_entity_poly.type   'polypeptide(L)'
_entity_poly.pdbx_seq_one_letter_code
;MHHHHHHGSENLYFQGSMPEESSPRRTPQSIPYQDLPHLVNADGQYLFCRYWAPTGTPKALIFVSHGAGEHSGRYEELAR
MLMGLDLLVFAHDHVGHGQSEGERMVVSDFHVFVRDVLQHVDSMQKDYPGLPVFLLGHSMGGAIAILTAAERPGHFAGMV
LISPLVLANPESATTFKVLAAKVLNSVLPNLSSGPIDSSVLSRNKTEVDIYNSDPLICRAGLKVCFGIQLLNAVSRVERA
LPKLTVPFLLLQGSADRLCDSKGAYLLMELAKSQDKTLKIYEGAYHVLHKELPEVTNSVFHEINMWVSQRTATAGTASPP
;
_entity_poly.pdbx_strand_id   A,B,C,D
#
loop_
_chem_comp.id
_chem_comp.type
_chem_comp.name
_chem_comp.formula
ACT non-polymer 'ACETATE ION' 'C2 H3 O2 -1'
XOM non-polymer (2s,4R)-2-{3-[(3-chloro-4-methylphenyl)methoxy]azetidine-1-carbonyl}-7-oxa-5-azaspiro[3.4]octan-6-one 'C18 H21 Cl N2 O4'
#
# COMPACT_ATOMS: atom_id res chain seq x y z
N MET A 18 -16.35 29.52 13.45
CA MET A 18 -16.57 28.54 14.55
C MET A 18 -16.87 27.16 13.98
N PRO A 19 -16.12 26.11 14.39
CA PRO A 19 -16.40 24.73 13.97
C PRO A 19 -17.63 24.17 14.69
N GLU A 20 -18.24 23.14 14.09
CA GLU A 20 -19.45 22.53 14.61
C GLU A 20 -19.26 21.03 14.75
N GLU A 21 -19.93 20.44 15.74
CA GLU A 21 -20.02 18.99 15.91
C GLU A 21 -20.80 18.37 14.75
N SER A 22 -20.41 17.15 14.39
CA SER A 22 -21.03 16.38 13.31
C SER A 22 -22.46 16.03 13.69
N SER A 23 -23.29 15.81 12.65
CA SER A 23 -24.65 15.33 12.82
C SER A 23 -24.62 14.00 13.59
N PRO A 24 -25.43 13.88 14.67
CA PRO A 24 -25.36 12.72 15.57
C PRO A 24 -25.20 11.38 14.86
N ARG A 25 -24.54 10.43 15.52
CA ARG A 25 -24.41 9.07 15.01
C ARG A 25 -25.73 8.32 15.19
N ARG A 26 -26.13 7.57 14.15
CA ARG A 26 -27.41 6.90 14.09
C ARG A 26 -27.20 5.41 13.84
N THR A 27 -28.14 4.60 14.35
CA THR A 27 -28.21 3.17 14.07
C THR A 27 -28.52 3.00 12.58
N PRO A 28 -28.34 1.80 12.00
CA PRO A 28 -28.70 1.59 10.59
C PRO A 28 -30.19 1.77 10.29
N GLN A 29 -31.01 1.94 11.34
CA GLN A 29 -32.42 2.23 11.21
C GLN A 29 -32.66 3.69 11.65
N SER A 30 -31.62 4.52 11.51
CA SER A 30 -31.70 5.97 11.59
C SER A 30 -32.07 6.49 12.99
N ILE A 31 -31.88 5.71 14.06
CA ILE A 31 -32.10 6.24 15.39
C ILE A 31 -30.79 6.81 15.93
N PRO A 32 -30.76 8.05 16.47
CA PRO A 32 -29.55 8.62 17.07
C PRO A 32 -29.10 7.77 18.27
N TYR A 33 -27.86 7.30 18.20
CA TYR A 33 -27.19 6.60 19.29
C TYR A 33 -27.27 7.38 20.58
N GLN A 34 -27.24 8.72 20.49
CA GLN A 34 -27.37 9.51 21.71
C GLN A 34 -28.67 9.18 22.44
N ASP A 35 -29.61 8.51 21.77
CA ASP A 35 -30.91 8.24 22.37
C ASP A 35 -30.98 6.84 23.01
N LEU A 36 -30.05 5.95 22.63
CA LEU A 36 -30.06 4.55 23.01
C LEU A 36 -28.90 4.24 23.95
N PRO A 37 -29.01 3.23 24.85
CA PRO A 37 -27.83 2.65 25.48
C PRO A 37 -26.90 2.09 24.40
N HIS A 38 -25.61 2.44 24.50
CA HIS A 38 -24.59 2.14 23.51
C HIS A 38 -23.21 2.01 24.16
N LEU A 39 -22.28 1.44 23.39
CA LEU A 39 -20.87 1.52 23.67
C LEU A 39 -20.06 1.58 22.37
N VAL A 40 -18.96 2.34 22.40
CA VAL A 40 -18.06 2.36 21.25
C VAL A 40 -17.03 1.25 21.40
N ASN A 41 -16.85 0.48 20.32
CA ASN A 41 -15.92 -0.64 20.36
C ASN A 41 -14.53 -0.19 19.90
N ALA A 42 -13.56 -1.12 19.94
CA ALA A 42 -12.16 -0.86 19.64
C ALA A 42 -11.97 -0.28 18.23
N ASP A 43 -12.84 -0.63 17.28
CA ASP A 43 -12.68 -0.08 15.94
C ASP A 43 -13.47 1.21 15.80
N GLY A 44 -13.99 1.73 16.92
CA GLY A 44 -14.81 2.92 16.94
C GLY A 44 -16.21 2.72 16.33
N GLN A 45 -16.72 1.48 16.32
CA GLN A 45 -18.08 1.19 15.87
C GLN A 45 -19.03 1.23 17.07
N TYR A 46 -20.16 1.91 16.91
CA TYR A 46 -21.13 1.92 18.00
C TYR A 46 -21.86 0.57 18.08
N LEU A 47 -22.08 0.09 19.32
CA LEU A 47 -22.88 -1.10 19.57
C LEU A 47 -24.09 -0.67 20.39
N PHE A 48 -25.25 -1.19 19.97
CA PHE A 48 -26.50 -1.01 20.69
C PHE A 48 -26.48 -1.96 21.88
N CYS A 49 -26.94 -1.47 23.03
CA CYS A 49 -26.91 -2.23 24.28
C CYS A 49 -28.29 -2.25 24.93
N ARG A 50 -28.56 -3.36 25.63
CA ARG A 50 -29.75 -3.51 26.45
C ARG A 50 -29.34 -3.95 27.85
N TYR A 51 -30.13 -3.49 28.83
CA TYR A 51 -29.89 -3.73 30.24
C TYR A 51 -31.20 -4.06 30.94
N TRP A 52 -31.19 -5.16 31.70
CA TRP A 52 -32.28 -5.45 32.60
C TRP A 52 -31.74 -5.47 34.02
N ALA A 53 -32.17 -4.49 34.83
CA ALA A 53 -31.60 -4.30 36.14
C ALA A 53 -32.63 -4.63 37.21
N PRO A 54 -32.29 -5.50 38.20
CA PRO A 54 -33.22 -5.82 39.28
C PRO A 54 -33.35 -4.69 40.29
N THR A 55 -34.42 -4.75 41.09
CA THR A 55 -34.63 -3.86 42.22
C THR A 55 -33.74 -4.32 43.37
N GLY A 56 -32.92 -3.40 43.90
CA GLY A 56 -31.97 -3.76 44.95
C GLY A 56 -30.64 -4.24 44.38
N THR A 57 -29.83 -4.85 45.25
CA THR A 57 -28.47 -5.23 44.86
C THR A 57 -28.51 -6.50 44.01
N PRO A 58 -27.95 -6.47 42.78
CA PRO A 58 -27.76 -7.67 42.00
C PRO A 58 -26.87 -8.68 42.72
N LYS A 59 -27.21 -9.96 42.60
CA LYS A 59 -26.39 -11.04 43.11
C LYS A 59 -25.24 -11.32 42.14
N ALA A 60 -25.51 -11.18 40.84
CA ALA A 60 -24.52 -11.46 39.82
C ALA A 60 -24.78 -10.63 38.56
N LEU A 61 -23.86 -10.76 37.60
CA LEU A 61 -23.99 -10.17 36.27
C LEU A 61 -24.11 -11.31 35.28
N ILE A 62 -24.95 -11.12 34.25
CA ILE A 62 -24.97 -12.08 33.17
C ILE A 62 -25.11 -11.34 31.84
N PHE A 63 -24.21 -11.69 30.90
CA PHE A 63 -24.22 -11.21 29.53
C PHE A 63 -24.86 -12.24 28.63
N VAL A 64 -25.80 -11.78 27.78
CA VAL A 64 -26.49 -12.60 26.80
C VAL A 64 -25.93 -12.36 25.40
N SER A 65 -25.44 -13.40 24.76
CA SER A 65 -24.85 -13.32 23.42
C SER A 65 -25.78 -13.97 22.39
N HIS A 66 -26.40 -13.12 21.53
CA HIS A 66 -27.32 -13.53 20.47
C HIS A 66 -26.54 -14.21 19.35
N GLY A 67 -27.25 -14.77 18.37
CA GLY A 67 -26.61 -15.53 17.29
C GLY A 67 -26.55 -14.76 15.98
N ALA A 68 -26.05 -15.44 14.94
CA ALA A 68 -25.91 -14.91 13.60
C ALA A 68 -27.26 -14.48 13.03
N GLY A 69 -27.28 -13.33 12.34
CA GLY A 69 -28.51 -12.85 11.74
C GLY A 69 -29.46 -12.23 12.76
N GLU A 70 -29.42 -12.65 14.03
CA GLU A 70 -30.43 -12.13 14.96
C GLU A 70 -29.90 -10.91 15.71
N HIS A 71 -30.42 -10.67 16.92
CA HIS A 71 -30.15 -9.47 17.69
C HIS A 71 -30.62 -9.65 19.13
N SER A 72 -30.13 -8.79 20.04
CA SER A 72 -30.36 -8.98 21.47
C SER A 72 -31.86 -8.98 21.83
N GLY A 73 -32.70 -8.33 21.02
CA GLY A 73 -34.10 -8.14 21.36
C GLY A 73 -34.86 -9.47 21.51
N ARG A 74 -34.35 -10.49 20.83
CA ARG A 74 -34.93 -11.83 20.82
C ARG A 74 -34.80 -12.54 22.18
N TYR A 75 -34.08 -11.94 23.13
CA TYR A 75 -33.78 -12.60 24.39
C TYR A 75 -34.51 -11.92 25.55
N GLU A 76 -35.56 -11.17 25.20
CA GLU A 76 -36.37 -10.39 26.13
C GLU A 76 -36.83 -11.23 27.31
N GLU A 77 -37.57 -12.32 27.00
CA GLU A 77 -38.21 -13.20 27.98
C GLU A 77 -37.16 -13.85 28.87
N LEU A 78 -36.14 -14.49 28.28
CA LEU A 78 -35.06 -15.07 29.07
C LEU A 78 -34.51 -14.04 30.04
N ALA A 79 -34.24 -12.83 29.54
CA ALA A 79 -33.54 -11.83 30.31
C ALA A 79 -34.42 -11.32 31.46
N ARG A 80 -35.74 -11.40 31.28
CA ARG A 80 -36.65 -10.93 32.32
C ARG A 80 -36.74 -11.98 33.44
N MET A 81 -36.64 -13.26 33.06
CA MET A 81 -36.58 -14.33 34.03
C MET A 81 -35.29 -14.22 34.83
N LEU A 82 -34.15 -14.10 34.14
CA LEU A 82 -32.83 -13.91 34.74
C LEU A 82 -32.81 -12.74 35.73
N MET A 83 -33.19 -11.54 35.28
CA MET A 83 -33.34 -10.39 36.15
C MET A 83 -34.29 -10.71 37.32
N GLY A 84 -35.26 -11.60 37.06
CA GLY A 84 -36.19 -12.08 38.08
C GLY A 84 -35.46 -12.68 39.28
N LEU A 85 -34.33 -13.34 39.02
CA LEU A 85 -33.55 -14.03 40.04
C LEU A 85 -32.59 -13.06 40.73
N ASP A 86 -32.71 -11.77 40.42
CA ASP A 86 -31.94 -10.69 41.01
C ASP A 86 -30.55 -10.57 40.38
N LEU A 87 -30.41 -11.00 39.13
CA LEU A 87 -29.19 -10.74 38.37
C LEU A 87 -29.36 -9.50 37.51
N LEU A 88 -28.22 -8.88 37.16
CA LEU A 88 -28.18 -7.81 36.19
C LEU A 88 -27.86 -8.41 34.83
N VAL A 89 -28.84 -8.33 33.92
CA VAL A 89 -28.67 -8.86 32.58
C VAL A 89 -28.22 -7.70 31.70
N PHE A 90 -27.29 -7.98 30.79
CA PHE A 90 -26.85 -6.97 29.86
C PHE A 90 -26.50 -7.68 28.58
N ALA A 91 -26.64 -6.95 27.46
CA ALA A 91 -26.43 -7.51 26.14
C ALA A 91 -26.08 -6.36 25.20
N HIS A 92 -25.42 -6.69 24.08
CA HIS A 92 -25.29 -5.73 23.00
C HIS A 92 -25.50 -6.48 21.69
N ASP A 93 -25.84 -5.76 20.62
CA ASP A 93 -25.85 -6.47 19.34
C ASP A 93 -24.42 -6.55 18.80
N HIS A 94 -23.97 -7.77 18.49
CA HIS A 94 -22.71 -7.95 17.77
C HIS A 94 -22.65 -7.04 16.56
N VAL A 95 -21.44 -6.78 16.06
CA VAL A 95 -21.27 -5.88 14.93
C VAL A 95 -21.89 -6.52 13.67
N GLY A 96 -22.48 -5.65 12.85
CA GLY A 96 -23.18 -6.05 11.66
C GLY A 96 -24.48 -6.80 11.98
N HIS A 97 -25.05 -6.50 13.17
CA HIS A 97 -26.29 -7.09 13.65
C HIS A 97 -27.17 -6.02 14.29
N GLY A 98 -28.48 -6.22 14.20
CA GLY A 98 -29.42 -5.43 14.98
C GLY A 98 -29.21 -3.95 14.76
N GLN A 99 -29.12 -3.23 15.89
CA GLN A 99 -29.08 -1.79 15.90
C GLN A 99 -27.64 -1.29 16.08
N SER A 100 -26.67 -2.21 16.01
CA SER A 100 -25.26 -1.87 16.03
C SER A 100 -24.80 -1.55 14.61
N GLU A 101 -23.72 -0.74 14.48
CA GLU A 101 -23.18 -0.40 13.18
C GLU A 101 -22.49 -1.61 12.54
N GLY A 102 -22.11 -1.44 11.27
CA GLY A 102 -21.39 -2.44 10.49
C GLY A 102 -22.26 -3.06 9.39
N GLU A 103 -21.64 -3.33 8.24
CA GLU A 103 -22.25 -4.08 7.17
C GLU A 103 -22.84 -5.37 7.73
N ARG A 104 -24.10 -5.63 7.36
CA ARG A 104 -24.89 -6.77 7.82
C ARG A 104 -24.14 -8.07 7.60
N MET A 105 -23.90 -8.78 8.72
CA MET A 105 -23.31 -10.11 8.71
C MET A 105 -21.98 -10.09 7.95
N VAL A 106 -21.12 -9.17 8.40
CA VAL A 106 -19.76 -9.01 7.93
C VAL A 106 -18.91 -8.71 9.16
N VAL A 107 -17.77 -9.39 9.27
CA VAL A 107 -16.84 -9.08 10.35
C VAL A 107 -15.42 -9.25 9.82
N SER A 108 -14.50 -8.38 10.24
CA SER A 108 -13.13 -8.45 9.76
C SER A 108 -12.54 -9.79 10.21
N ASP A 109 -12.74 -10.14 11.48
CA ASP A 109 -12.38 -11.45 11.98
C ASP A 109 -13.28 -11.82 13.15
N PHE A 110 -13.64 -13.11 13.22
CA PHE A 110 -14.54 -13.64 14.25
C PHE A 110 -14.15 -13.16 15.65
N HIS A 111 -12.84 -12.91 15.87
CA HIS A 111 -12.36 -12.52 17.19
C HIS A 111 -12.96 -11.19 17.64
N VAL A 112 -13.48 -10.39 16.70
CA VAL A 112 -14.05 -9.10 17.05
C VAL A 112 -15.18 -9.30 18.07
N PHE A 113 -16.00 -10.33 17.85
CA PHE A 113 -17.17 -10.58 18.69
C PHE A 113 -16.74 -10.88 20.12
N VAL A 114 -15.67 -11.68 20.24
CA VAL A 114 -15.13 -12.06 21.54
C VAL A 114 -14.61 -10.81 22.25
N ARG A 115 -13.78 -10.03 21.53
CA ARG A 115 -13.14 -8.86 22.10
C ARG A 115 -14.20 -7.89 22.61
N ASP A 116 -15.29 -7.74 21.82
CA ASP A 116 -16.35 -6.77 22.07
C ASP A 116 -17.15 -7.19 23.31
N VAL A 117 -17.34 -8.50 23.48
CA VAL A 117 -17.94 -9.02 24.70
C VAL A 117 -17.02 -8.70 25.89
N LEU A 118 -15.74 -9.07 25.79
CA LEU A 118 -14.81 -8.83 26.91
C LEU A 118 -14.82 -7.36 27.34
N GLN A 119 -14.89 -6.47 26.35
CA GLN A 119 -14.96 -5.04 26.63
C GLN A 119 -16.19 -4.67 27.45
N HIS A 120 -17.36 -5.22 27.08
CA HIS A 120 -18.63 -4.94 27.74
C HIS A 120 -18.60 -5.48 29.16
N VAL A 121 -18.01 -6.67 29.32
CA VAL A 121 -17.90 -7.30 30.63
C VAL A 121 -16.92 -6.49 31.48
N ASP A 122 -15.74 -6.15 30.93
CA ASP A 122 -14.76 -5.35 31.66
C ASP A 122 -15.41 -4.06 32.17
N SER A 123 -16.25 -3.41 31.33
CA SER A 123 -16.91 -2.16 31.71
C SER A 123 -17.83 -2.39 32.90
N MET A 124 -18.70 -3.40 32.73
CA MET A 124 -19.76 -3.72 33.69
C MET A 124 -19.16 -4.16 35.01
N GLN A 125 -18.04 -4.90 34.98
CA GLN A 125 -17.36 -5.36 36.19
C GLN A 125 -16.88 -4.17 37.01
N LYS A 126 -16.28 -3.19 36.34
CA LYS A 126 -15.82 -1.99 37.01
C LYS A 126 -16.98 -1.30 37.73
N ASP A 127 -18.11 -1.15 37.03
CA ASP A 127 -19.26 -0.46 37.60
C ASP A 127 -19.88 -1.27 38.74
N TYR A 128 -19.61 -2.58 38.79
CA TYR A 128 -20.21 -3.49 39.75
C TYR A 128 -19.15 -4.41 40.33
N PRO A 129 -18.20 -3.87 41.12
CA PRO A 129 -16.99 -4.59 41.49
C PRO A 129 -17.35 -5.78 42.38
N GLY A 130 -16.64 -6.90 42.18
CA GLY A 130 -16.75 -8.06 43.05
C GLY A 130 -17.96 -8.95 42.77
N LEU A 131 -18.77 -8.61 41.75
CA LEU A 131 -19.87 -9.46 41.35
C LEU A 131 -19.36 -10.55 40.41
N PRO A 132 -19.81 -11.81 40.58
CA PRO A 132 -19.51 -12.87 39.62
C PRO A 132 -20.26 -12.61 38.30
N VAL A 133 -19.68 -13.09 37.20
CA VAL A 133 -20.28 -12.84 35.90
C VAL A 133 -20.48 -14.17 35.20
N PHE A 134 -21.69 -14.34 34.64
CA PHE A 134 -22.10 -15.48 33.82
C PHE A 134 -22.24 -15.07 32.36
N LEU A 135 -22.18 -16.08 31.48
CA LEU A 135 -22.46 -15.91 30.06
C LEU A 135 -23.61 -16.85 29.67
N LEU A 136 -24.49 -16.34 28.80
CA LEU A 136 -25.50 -17.14 28.13
C LEU A 136 -25.37 -16.92 26.62
N GLY A 137 -25.18 -17.98 25.86
CA GLY A 137 -25.15 -17.84 24.40
C GLY A 137 -26.00 -18.88 23.69
N HIS A 138 -26.55 -18.49 22.53
CA HIS A 138 -27.21 -19.42 21.63
C HIS A 138 -26.45 -19.46 20.31
N SER A 139 -26.35 -20.66 19.71
CA SER A 139 -25.84 -20.78 18.36
C SER A 139 -24.44 -20.13 18.25
N MET A 140 -24.25 -19.25 17.26
CA MET A 140 -22.99 -18.54 17.10
C MET A 140 -22.64 -17.78 18.39
N GLY A 141 -23.66 -17.19 19.05
CA GLY A 141 -23.53 -16.50 20.32
C GLY A 141 -22.96 -17.43 21.40
N GLY A 142 -23.32 -18.71 21.30
CA GLY A 142 -22.77 -19.73 22.18
C GLY A 142 -21.31 -20.04 21.87
N ALA A 143 -20.97 -20.09 20.57
CA ALA A 143 -19.57 -20.23 20.20
C ALA A 143 -18.76 -19.04 20.71
N ILE A 144 -19.36 -17.84 20.66
CA ILE A 144 -18.69 -16.66 21.15
C ILE A 144 -18.48 -16.76 22.67
N ALA A 145 -19.44 -17.33 23.39
CA ALA A 145 -19.32 -17.46 24.83
C ALA A 145 -18.19 -18.43 25.20
N ILE A 146 -18.12 -19.56 24.48
CA ILE A 146 -17.04 -20.51 24.69
C ILE A 146 -15.69 -19.81 24.55
N LEU A 147 -15.48 -19.08 23.44
CA LEU A 147 -14.16 -18.51 23.17
C LEU A 147 -13.81 -17.45 24.21
N THR A 148 -14.81 -16.65 24.58
CA THR A 148 -14.74 -15.66 25.64
C THR A 148 -14.25 -16.29 26.94
N ALA A 149 -14.79 -17.46 27.28
CA ALA A 149 -14.48 -18.13 28.54
C ALA A 149 -13.06 -18.70 28.50
N ALA A 150 -12.66 -19.25 27.35
CA ALA A 150 -11.40 -19.95 27.18
C ALA A 150 -10.24 -18.96 27.20
N GLU A 151 -10.53 -17.71 26.85
CA GLU A 151 -9.53 -16.65 26.81
C GLU A 151 -9.28 -16.12 28.21
N ARG A 152 -10.15 -16.44 29.17
CA ARG A 152 -10.02 -15.92 30.53
C ARG A 152 -10.34 -17.03 31.54
N PRO A 153 -9.59 -18.15 31.52
CA PRO A 153 -9.91 -19.32 32.34
C PRO A 153 -9.88 -18.89 33.80
N GLY A 154 -10.91 -19.27 34.56
CA GLY A 154 -11.06 -18.90 35.96
C GLY A 154 -11.93 -17.66 36.17
N HIS A 155 -12.27 -16.93 35.10
CA HIS A 155 -12.88 -15.63 35.30
C HIS A 155 -14.41 -15.68 35.40
N PHE A 156 -15.08 -16.58 34.68
CA PHE A 156 -16.53 -16.54 34.69
C PHE A 156 -17.08 -17.55 35.69
N ALA A 157 -18.18 -17.19 36.37
CA ALA A 157 -18.82 -18.05 37.35
C ALA A 157 -19.53 -19.24 36.71
N GLY A 158 -19.93 -19.12 35.45
CA GLY A 158 -20.93 -20.03 34.91
C GLY A 158 -21.35 -19.66 33.50
N MET A 159 -21.64 -20.70 32.72
CA MET A 159 -21.94 -20.53 31.32
C MET A 159 -23.19 -21.36 30.98
N VAL A 160 -24.16 -20.73 30.32
CA VAL A 160 -25.40 -21.37 29.89
C VAL A 160 -25.39 -21.43 28.36
N LEU A 161 -25.42 -22.64 27.80
CA LEU A 161 -25.35 -22.75 26.35
C LEU A 161 -26.60 -23.37 25.73
N ILE A 162 -27.26 -22.61 24.85
CA ILE A 162 -28.44 -23.06 24.15
C ILE A 162 -28.01 -23.46 22.73
N SER A 163 -27.85 -24.76 22.51
CA SER A 163 -27.40 -25.30 21.22
C SER A 163 -26.30 -24.44 20.63
N PRO A 164 -25.09 -24.43 21.24
CA PRO A 164 -23.99 -23.57 20.76
C PRO A 164 -23.40 -24.21 19.52
N LEU A 165 -22.76 -23.38 18.69
CA LEU A 165 -22.16 -23.81 17.45
C LEU A 165 -20.80 -24.44 17.77
N VAL A 166 -20.79 -25.77 17.89
CA VAL A 166 -19.58 -26.50 18.22
C VAL A 166 -19.16 -27.33 17.01
N LEU A 167 -20.13 -28.04 16.43
CA LEU A 167 -19.95 -28.67 15.14
C LEU A 167 -21.10 -28.23 14.25
N ALA A 168 -20.80 -27.89 13.00
CA ALA A 168 -21.83 -27.48 12.05
C ALA A 168 -22.37 -28.70 11.32
N ASN A 169 -23.66 -28.63 10.96
CA ASN A 169 -24.36 -29.70 10.27
C ASN A 169 -23.55 -30.14 9.06
N PRO A 170 -23.10 -31.42 8.97
CA PRO A 170 -22.26 -31.87 7.86
C PRO A 170 -22.90 -31.70 6.48
N GLU A 171 -24.19 -32.07 6.38
CA GLU A 171 -24.98 -31.92 5.17
C GLU A 171 -24.80 -30.50 4.63
N SER A 172 -25.01 -29.54 5.53
CA SER A 172 -25.05 -28.13 5.20
C SER A 172 -23.65 -27.56 5.00
N ALA A 173 -22.68 -27.99 5.84
CA ALA A 173 -21.33 -27.45 5.80
C ALA A 173 -20.63 -27.82 4.50
N THR A 174 -20.84 -29.07 4.05
CA THR A 174 -20.23 -29.56 2.82
C THR A 174 -20.85 -28.87 1.61
N THR A 175 -22.17 -28.67 1.65
CA THR A 175 -22.90 -27.95 0.62
C THR A 175 -22.27 -26.56 0.44
N PHE A 176 -22.02 -25.89 1.57
CA PHE A 176 -21.50 -24.54 1.57
C PHE A 176 -20.05 -24.53 1.09
N LYS A 177 -19.27 -25.54 1.49
CA LYS A 177 -17.85 -25.62 1.15
C LYS A 177 -17.68 -25.79 -0.35
N VAL A 178 -18.59 -26.56 -0.96
CA VAL A 178 -18.55 -26.81 -2.40
C VAL A 178 -18.95 -25.52 -3.13
N LEU A 179 -19.97 -24.84 -2.61
CA LEU A 179 -20.47 -23.56 -3.13
C LEU A 179 -19.38 -22.50 -3.01
N ALA A 180 -18.65 -22.52 -1.89
CA ALA A 180 -17.57 -21.57 -1.66
C ALA A 180 -16.40 -21.87 -2.60
N ALA A 181 -16.16 -23.16 -2.85
CA ALA A 181 -15.10 -23.61 -3.74
C ALA A 181 -15.36 -23.14 -5.17
N LYS A 182 -16.62 -22.77 -5.46
CA LYS A 182 -17.05 -22.30 -6.76
C LYS A 182 -17.21 -20.77 -6.74
N VAL A 183 -16.60 -20.12 -5.75
CA VAL A 183 -16.57 -18.67 -5.67
C VAL A 183 -15.12 -18.21 -5.42
N GLY A 194 -27.51 -18.25 -1.05
CA GLY A 194 -28.93 -18.60 -0.90
C GLY A 194 -29.37 -18.56 0.56
N PRO A 195 -30.64 -18.17 0.86
CA PRO A 195 -31.13 -18.06 2.24
C PRO A 195 -31.63 -19.38 2.84
N ILE A 196 -31.33 -19.60 4.13
CA ILE A 196 -31.72 -20.82 4.81
C ILE A 196 -33.24 -20.93 4.80
N ASP A 197 -33.72 -22.17 4.64
CA ASP A 197 -35.10 -22.50 4.96
C ASP A 197 -35.26 -22.33 6.47
N SER A 198 -36.07 -21.35 6.86
CA SER A 198 -36.16 -20.94 8.25
C SER A 198 -37.02 -21.91 9.06
N SER A 199 -37.54 -22.96 8.41
CA SER A 199 -38.39 -23.89 9.13
C SER A 199 -37.57 -24.74 10.09
N VAL A 200 -36.29 -24.97 9.77
CA VAL A 200 -35.37 -25.76 10.58
C VAL A 200 -35.08 -25.09 11.92
N LEU A 201 -35.45 -23.81 12.04
CA LEU A 201 -35.26 -23.12 13.31
C LEU A 201 -36.03 -23.82 14.43
N SER A 202 -37.32 -24.10 14.23
CA SER A 202 -38.18 -24.46 15.33
C SER A 202 -39.44 -25.17 14.82
N ARG A 203 -39.83 -26.23 15.53
CA ARG A 203 -41.06 -26.95 15.25
C ARG A 203 -42.23 -26.02 15.51
N ASN A 204 -41.98 -24.96 16.28
CA ASN A 204 -43.02 -24.01 16.61
C ASN A 204 -43.13 -23.01 15.46
N LYS A 205 -44.23 -23.12 14.68
CA LYS A 205 -44.35 -22.44 13.39
C LYS A 205 -44.63 -20.96 13.60
N THR A 206 -45.23 -20.60 14.75
CA THR A 206 -45.45 -19.21 15.11
C THR A 206 -44.10 -18.50 15.29
N GLU A 207 -43.14 -19.19 15.93
CA GLU A 207 -41.81 -18.63 16.14
C GLU A 207 -41.08 -18.55 14.80
N VAL A 208 -41.26 -19.54 13.92
CA VAL A 208 -40.60 -19.38 12.63
C VAL A 208 -41.15 -18.11 11.94
N ASP A 209 -42.47 -17.88 12.11
CA ASP A 209 -43.11 -16.75 11.44
C ASP A 209 -42.61 -15.43 12.03
N ILE A 210 -42.45 -15.39 13.36
CA ILE A 210 -42.04 -14.20 14.08
C ILE A 210 -40.63 -13.83 13.61
N TYR A 211 -39.79 -14.85 13.45
CA TYR A 211 -38.45 -14.70 12.92
C TYR A 211 -38.51 -14.07 11.53
N ASN A 212 -39.41 -14.58 10.68
CA ASN A 212 -39.47 -14.18 9.29
C ASN A 212 -40.06 -12.78 9.11
N SER A 213 -40.62 -12.21 10.17
CA SER A 213 -41.28 -10.92 10.05
C SER A 213 -40.66 -9.86 10.95
N ASP A 214 -39.54 -10.22 11.61
CA ASP A 214 -38.77 -9.31 12.46
C ASP A 214 -37.87 -8.46 11.55
N PRO A 215 -38.03 -7.13 11.56
CA PRO A 215 -37.24 -6.27 10.67
C PRO A 215 -35.75 -6.19 11.03
N LEU A 216 -35.38 -6.42 12.30
CA LEU A 216 -33.98 -6.32 12.73
C LEU A 216 -33.16 -7.53 12.30
N ILE A 217 -33.82 -8.66 12.00
CA ILE A 217 -33.14 -9.87 11.58
C ILE A 217 -32.55 -9.65 10.20
N CYS A 218 -31.50 -10.41 9.86
CA CYS A 218 -30.97 -10.40 8.50
C CYS A 218 -31.21 -11.74 7.84
N ARG A 219 -32.20 -11.78 6.95
CA ARG A 219 -32.68 -13.02 6.35
C ARG A 219 -32.09 -13.19 4.95
N ALA A 220 -31.19 -12.28 4.58
CA ALA A 220 -30.42 -12.40 3.35
C ALA A 220 -29.56 -13.67 3.42
N GLY A 221 -29.31 -14.26 2.24
CA GLY A 221 -28.44 -15.42 2.11
C GLY A 221 -27.10 -15.23 2.83
N LEU A 222 -26.50 -16.34 3.26
CA LEU A 222 -25.23 -16.29 3.96
C LEU A 222 -24.12 -15.90 2.99
N LYS A 223 -23.48 -14.75 3.23
CA LYS A 223 -22.35 -14.33 2.41
C LYS A 223 -21.23 -15.33 2.59
N VAL A 224 -20.32 -15.40 1.61
CA VAL A 224 -19.33 -16.46 1.58
C VAL A 224 -18.23 -16.15 2.60
N CYS A 225 -17.89 -14.86 2.74
CA CYS A 225 -16.80 -14.46 3.63
C CYS A 225 -17.18 -14.73 5.09
N PHE A 226 -18.47 -14.60 5.41
CA PHE A 226 -18.94 -14.80 6.77
C PHE A 226 -19.09 -16.29 7.08
N GLY A 227 -19.37 -17.07 6.02
CA GLY A 227 -19.60 -18.50 6.16
C GLY A 227 -18.30 -19.26 6.39
N ILE A 228 -17.22 -18.82 5.73
CA ILE A 228 -15.90 -19.37 5.97
C ILE A 228 -15.48 -19.02 7.40
N GLN A 229 -15.96 -17.87 7.89
CA GLN A 229 -15.60 -17.38 9.21
C GLN A 229 -16.24 -18.25 10.28
N LEU A 230 -17.47 -18.72 10.02
CA LEU A 230 -18.19 -19.52 10.99
C LEU A 230 -17.60 -20.93 11.06
N LEU A 231 -17.23 -21.49 9.89
CA LEU A 231 -16.57 -22.78 9.88
C LEU A 231 -15.21 -22.66 10.55
N ASN A 232 -14.66 -21.45 10.50
CA ASN A 232 -13.40 -21.12 11.13
C ASN A 232 -13.59 -21.09 12.65
N ALA A 233 -14.69 -20.48 13.11
CA ALA A 233 -15.02 -20.47 14.52
C ALA A 233 -15.22 -21.89 15.05
N VAL A 234 -15.78 -22.79 14.23
CA VAL A 234 -15.95 -24.18 14.63
C VAL A 234 -14.60 -24.74 15.05
N SER A 235 -13.58 -24.45 14.24
CA SER A 235 -12.22 -24.90 14.48
C SER A 235 -11.66 -24.33 15.79
N ARG A 236 -11.84 -23.01 15.98
CA ARG A 236 -11.32 -22.37 17.18
C ARG A 236 -12.05 -22.87 18.41
N VAL A 237 -13.34 -23.21 18.27
CA VAL A 237 -14.11 -23.71 19.39
C VAL A 237 -13.53 -25.04 19.84
N GLU A 238 -13.15 -25.89 18.87
CA GLU A 238 -12.61 -27.21 19.18
C GLU A 238 -11.27 -27.10 19.89
N ARG A 239 -10.49 -26.08 19.54
CA ARG A 239 -9.21 -25.87 20.19
C ARG A 239 -9.41 -25.36 21.61
N ALA A 240 -10.48 -24.60 21.83
CA ALA A 240 -10.70 -24.03 23.15
C ALA A 240 -11.34 -25.03 24.10
N LEU A 241 -12.01 -26.07 23.57
CA LEU A 241 -12.78 -26.99 24.39
C LEU A 241 -11.92 -27.52 25.54
N PRO A 242 -10.76 -28.16 25.27
CA PRO A 242 -9.91 -28.70 26.35
C PRO A 242 -9.47 -27.72 27.44
N LYS A 243 -9.71 -26.42 27.26
CA LYS A 243 -9.18 -25.41 28.17
C LYS A 243 -10.28 -24.88 29.09
N LEU A 244 -11.49 -25.43 28.93
CA LEU A 244 -12.65 -24.89 29.62
C LEU A 244 -12.66 -25.48 31.01
N THR A 245 -12.93 -24.66 32.01
CA THR A 245 -13.00 -25.19 33.37
C THR A 245 -14.22 -24.56 34.03
N VAL A 246 -14.80 -23.57 33.34
CA VAL A 246 -15.98 -22.84 33.79
C VAL A 246 -17.12 -23.85 33.95
N PRO A 247 -17.96 -23.68 35.00
CA PRO A 247 -19.21 -24.43 35.08
C PRO A 247 -20.10 -24.09 33.88
N PHE A 248 -20.92 -25.06 33.45
CA PHE A 248 -21.85 -24.81 32.37
C PHE A 248 -22.97 -25.85 32.34
N LEU A 249 -24.10 -25.36 31.80
CA LEU A 249 -25.32 -26.08 31.44
C LEU A 249 -25.45 -26.06 29.91
N LEU A 250 -25.74 -27.24 29.34
CA LEU A 250 -25.72 -27.38 27.89
C LEU A 250 -27.04 -27.99 27.44
N LEU A 251 -27.78 -27.23 26.62
CA LEU A 251 -29.10 -27.58 26.13
C LEU A 251 -29.00 -27.81 24.64
N GLN A 252 -29.37 -29.01 24.18
CA GLN A 252 -29.26 -29.36 22.78
C GLN A 252 -30.52 -30.10 22.33
N GLY A 253 -31.02 -29.77 21.11
CA GLY A 253 -32.03 -30.56 20.44
C GLY A 253 -31.42 -31.68 19.61
N SER A 254 -32.08 -32.86 19.60
CA SER A 254 -31.52 -34.06 19.00
C SER A 254 -31.59 -34.01 17.48
N ALA A 255 -32.50 -33.19 16.95
CA ALA A 255 -32.82 -33.13 15.53
C ALA A 255 -32.40 -31.80 14.92
N ASP A 256 -31.60 -31.03 15.68
CA ASP A 256 -31.04 -29.75 15.28
C ASP A 256 -30.28 -29.89 13.97
N ARG A 257 -30.72 -29.15 12.95
CA ARG A 257 -30.17 -29.23 11.60
C ARG A 257 -29.23 -28.05 11.31
N LEU A 258 -28.97 -27.21 12.32
CA LEU A 258 -27.99 -26.15 12.18
C LEU A 258 -26.72 -26.45 12.99
N CYS A 259 -26.86 -26.58 14.32
CA CYS A 259 -25.76 -26.99 15.19
C CYS A 259 -25.90 -28.46 15.59
N ASP A 260 -25.19 -29.35 14.89
CA ASP A 260 -25.23 -30.79 15.11
C ASP A 260 -25.16 -31.10 16.61
N SER A 261 -26.01 -32.04 17.05
CA SER A 261 -26.03 -32.46 18.44
C SER A 261 -24.72 -33.15 18.84
N LYS A 262 -23.99 -33.68 17.84
CA LYS A 262 -22.72 -34.35 18.04
C LYS A 262 -21.71 -33.38 18.66
N GLY A 263 -21.81 -32.12 18.25
CA GLY A 263 -21.05 -31.02 18.82
C GLY A 263 -21.23 -30.90 20.32
N ALA A 264 -22.45 -31.15 20.83
CA ALA A 264 -22.65 -30.94 22.25
C ALA A 264 -22.13 -32.14 23.07
N TYR A 265 -21.94 -33.29 22.42
CA TYR A 265 -21.33 -34.42 23.09
C TYR A 265 -19.82 -34.19 23.18
N LEU A 266 -19.26 -33.60 22.11
CA LEU A 266 -17.85 -33.26 22.04
C LEU A 266 -17.49 -32.28 23.16
N LEU A 267 -18.28 -31.21 23.28
CA LEU A 267 -18.10 -30.26 24.37
C LEU A 267 -18.19 -31.01 25.70
N MET A 268 -19.06 -32.00 25.76
CA MET A 268 -19.28 -32.66 27.03
C MET A 268 -18.05 -33.48 27.40
N GLU A 269 -17.41 -34.03 26.36
CA GLU A 269 -16.28 -34.93 26.46
C GLU A 269 -14.99 -34.13 26.69
N LEU A 270 -14.76 -33.04 25.94
CA LEU A 270 -13.43 -32.42 25.91
C LEU A 270 -13.24 -31.37 27.01
N ALA A 271 -14.29 -30.63 27.37
CA ALA A 271 -14.16 -29.63 28.43
C ALA A 271 -13.68 -30.28 29.73
N LYS A 272 -12.97 -29.52 30.55
CA LYS A 272 -12.42 -30.07 31.77
C LYS A 272 -13.29 -29.64 32.95
N SER A 273 -14.33 -28.84 32.69
CA SER A 273 -15.09 -28.22 33.78
C SER A 273 -15.50 -29.28 34.81
N GLN A 274 -15.31 -29.00 36.10
CA GLN A 274 -15.72 -29.94 37.12
C GLN A 274 -17.25 -30.03 37.22
N ASP A 275 -17.93 -28.97 36.75
CA ASP A 275 -19.36 -28.82 36.91
C ASP A 275 -20.04 -28.71 35.54
N LYS A 276 -20.45 -29.85 34.98
CA LYS A 276 -20.95 -29.85 33.62
C LYS A 276 -22.21 -30.72 33.47
N THR A 277 -23.20 -30.21 32.72
CA THR A 277 -24.53 -30.80 32.62
C THR A 277 -25.09 -30.61 31.21
N LEU A 278 -25.73 -31.69 30.71
CA LEU A 278 -26.27 -31.77 29.37
C LEU A 278 -27.72 -32.24 29.44
N LYS A 279 -28.62 -31.45 28.82
CA LYS A 279 -29.97 -31.92 28.52
C LYS A 279 -30.11 -32.05 27.01
N ILE A 280 -30.50 -33.24 26.58
CA ILE A 280 -30.97 -33.44 25.22
C ILE A 280 -32.49 -33.28 25.18
N TYR A 281 -33.00 -32.52 24.18
CA TYR A 281 -34.43 -32.48 23.88
C TYR A 281 -34.72 -33.29 22.63
N GLU A 282 -35.34 -34.46 22.85
CA GLU A 282 -35.59 -35.43 21.80
C GLU A 282 -36.58 -34.87 20.76
N GLY A 283 -36.12 -34.87 19.51
CA GLY A 283 -36.90 -34.42 18.38
C GLY A 283 -36.90 -32.91 18.19
N ALA A 284 -36.32 -32.15 19.13
CA ALA A 284 -36.34 -30.69 19.00
C ALA A 284 -35.35 -30.22 17.93
N TYR A 285 -35.71 -29.07 17.33
CA TYR A 285 -34.90 -28.33 16.36
C TYR A 285 -33.96 -27.39 17.09
N HIS A 286 -33.67 -26.22 16.49
CA HIS A 286 -32.49 -25.45 16.85
C HIS A 286 -32.73 -24.46 17.98
N VAL A 287 -33.75 -23.60 17.86
CA VAL A 287 -33.93 -22.49 18.78
C VAL A 287 -34.71 -22.94 20.02
N LEU A 288 -34.04 -23.59 20.98
CA LEU A 288 -34.76 -24.28 22.06
C LEU A 288 -35.57 -23.31 22.94
N HIS A 289 -35.12 -22.06 23.11
CA HIS A 289 -35.92 -21.13 23.90
C HIS A 289 -37.11 -20.61 23.06
N LYS A 290 -37.22 -21.07 21.80
CA LYS A 290 -38.38 -20.62 21.03
C LYS A 290 -39.03 -21.81 20.34
N GLU A 291 -39.18 -22.91 21.09
CA GLU A 291 -39.55 -24.18 20.52
C GLU A 291 -40.98 -24.50 20.93
N LEU A 292 -41.40 -25.78 20.88
CA LEU A 292 -42.75 -26.10 21.32
C LEU A 292 -42.83 -25.87 22.82
N PRO A 293 -43.99 -25.42 23.36
CA PRO A 293 -44.06 -24.95 24.75
C PRO A 293 -43.52 -25.94 25.79
N GLU A 294 -43.72 -27.25 25.56
CA GLU A 294 -43.20 -28.26 26.48
C GLU A 294 -41.68 -28.15 26.57
N VAL A 295 -41.03 -27.98 25.40
CA VAL A 295 -39.58 -27.84 25.35
C VAL A 295 -39.18 -26.51 25.99
N THR A 296 -39.67 -25.41 25.42
CA THR A 296 -39.41 -24.05 25.85
C THR A 296 -39.64 -23.88 27.35
N ASN A 297 -40.67 -24.52 27.93
CA ASN A 297 -40.94 -24.33 29.34
C ASN A 297 -39.86 -25.03 30.15
N SER A 298 -39.42 -26.18 29.63
CA SER A 298 -38.39 -26.96 30.28
C SER A 298 -37.08 -26.15 30.26
N VAL A 299 -36.76 -25.58 29.08
CA VAL A 299 -35.57 -24.75 28.86
C VAL A 299 -35.54 -23.60 29.85
N PHE A 300 -36.66 -22.86 29.94
CA PHE A 300 -36.78 -21.76 30.89
C PHE A 300 -36.60 -22.26 32.32
N HIS A 301 -37.14 -23.44 32.67
CA HIS A 301 -37.09 -23.93 34.04
C HIS A 301 -35.66 -24.33 34.47
N GLU A 302 -34.94 -25.04 33.57
CA GLU A 302 -33.61 -25.56 33.84
C GLU A 302 -32.63 -24.42 34.01
N ILE A 303 -32.71 -23.45 33.10
CA ILE A 303 -31.88 -22.26 33.22
C ILE A 303 -32.16 -21.60 34.57
N ASN A 304 -33.44 -21.46 34.91
CA ASN A 304 -33.80 -20.83 36.17
C ASN A 304 -33.19 -21.62 37.34
N MET A 305 -33.28 -22.95 37.30
CA MET A 305 -32.86 -23.77 38.42
C MET A 305 -31.35 -23.66 38.58
N TRP A 306 -30.64 -23.79 37.46
CA TRP A 306 -29.19 -23.81 37.41
C TRP A 306 -28.58 -22.48 37.88
N VAL A 307 -29.05 -21.37 37.31
CA VAL A 307 -28.47 -20.07 37.67
C VAL A 307 -28.79 -19.78 39.14
N SER A 308 -29.96 -20.24 39.59
CA SER A 308 -30.46 -19.99 40.93
C SER A 308 -29.57 -20.68 41.95
N GLN A 309 -29.17 -21.92 41.63
CA GLN A 309 -28.40 -22.73 42.54
C GLN A 309 -26.99 -22.13 42.71
N ARG A 310 -26.55 -21.34 41.72
CA ARG A 310 -25.16 -20.89 41.63
C ARG A 310 -25.05 -19.39 41.87
N THR A 311 -26.01 -18.84 42.63
CA THR A 311 -26.08 -17.42 42.95
C THR A 311 -26.67 -17.24 44.35
N ALA A 312 -27.30 -18.30 44.88
CA ALA A 312 -27.95 -18.27 46.17
C ALA A 312 -26.91 -18.07 47.29
N MET B 18 11.54 -26.99 50.64
CA MET B 18 12.01 -25.93 49.70
C MET B 18 10.99 -24.78 49.68
N PRO B 19 11.41 -23.51 49.92
CA PRO B 19 10.50 -22.37 49.88
C PRO B 19 10.16 -22.01 48.44
N GLU B 20 9.04 -21.33 48.24
CA GLU B 20 8.55 -21.06 46.89
C GLU B 20 8.26 -19.58 46.71
N GLU B 21 8.47 -19.11 45.47
CA GLU B 21 8.12 -17.77 45.04
C GLU B 21 6.59 -17.61 45.02
N SER B 22 6.14 -16.40 45.35
CA SER B 22 4.74 -16.00 45.38
C SER B 22 4.14 -16.08 43.98
N SER B 23 2.80 -16.08 43.93
CA SER B 23 2.06 -15.94 42.69
C SER B 23 2.50 -14.65 42.00
N PRO B 24 2.80 -14.68 40.68
CA PRO B 24 3.14 -13.46 39.93
C PRO B 24 2.23 -12.30 40.34
N ARG B 25 2.81 -11.09 40.38
CA ARG B 25 2.06 -9.86 40.59
C ARG B 25 1.26 -9.56 39.33
N ARG B 26 -0.01 -9.20 39.53
CA ARG B 26 -0.91 -8.94 38.41
C ARG B 26 -1.36 -7.49 38.46
N THR B 27 -1.77 -6.97 37.29
CA THR B 27 -2.40 -5.68 37.17
C THR B 27 -3.77 -5.77 37.82
N PRO B 28 -4.48 -4.65 38.07
CA PRO B 28 -5.84 -4.74 38.60
C PRO B 28 -6.79 -5.44 37.63
N GLN B 29 -6.35 -5.64 36.38
CA GLN B 29 -7.14 -6.38 35.41
C GLN B 29 -6.52 -7.77 35.22
N SER B 30 -5.71 -8.21 36.20
CA SER B 30 -5.34 -9.62 36.30
C SER B 30 -4.35 -10.07 35.23
N ILE B 31 -3.64 -9.14 34.57
CA ILE B 31 -2.56 -9.56 33.70
C ILE B 31 -1.26 -9.57 34.51
N PRO B 32 -0.41 -10.62 34.37
CA PRO B 32 0.85 -10.69 35.11
C PRO B 32 1.81 -9.59 34.64
N TYR B 33 2.33 -8.81 35.59
CA TYR B 33 3.30 -7.76 35.32
C TYR B 33 4.52 -8.29 34.60
N GLN B 34 4.83 -9.57 34.79
CA GLN B 34 5.97 -10.16 34.11
C GLN B 34 5.73 -10.24 32.60
N ASP B 35 4.50 -9.96 32.17
CA ASP B 35 4.14 -10.01 30.76
C ASP B 35 4.17 -8.63 30.10
N LEU B 36 4.25 -7.56 30.92
CA LEU B 36 4.07 -6.18 30.47
C LEU B 36 5.30 -5.35 30.85
N PRO B 37 5.68 -4.33 30.05
CA PRO B 37 6.72 -3.38 30.47
C PRO B 37 6.19 -2.72 31.74
N HIS B 38 7.05 -2.66 32.77
CA HIS B 38 6.70 -2.16 34.08
C HIS B 38 7.93 -1.57 34.77
N LEU B 39 7.68 -0.88 35.88
CA LEU B 39 8.70 -0.49 36.84
C LEU B 39 8.11 -0.45 38.25
N VAL B 40 8.95 -0.77 39.25
CA VAL B 40 8.51 -0.69 40.63
C VAL B 40 8.88 0.69 41.19
N ASN B 41 7.92 1.32 41.89
CA ASN B 41 8.09 2.65 42.44
C ASN B 41 8.64 2.54 43.86
N ALA B 42 8.86 3.70 44.50
CA ALA B 42 9.52 3.81 45.80
C ALA B 42 8.65 3.19 46.90
N ASP B 43 7.37 2.94 46.59
CA ASP B 43 6.49 2.34 47.59
C ASP B 43 6.39 0.84 47.35
N GLY B 44 7.11 0.33 46.35
CA GLY B 44 7.00 -1.07 45.94
C GLY B 44 5.75 -1.37 45.12
N GLN B 45 5.07 -0.33 44.59
CA GLN B 45 3.92 -0.47 43.70
C GLN B 45 4.39 -0.65 42.26
N TYR B 46 3.84 -1.66 41.58
CA TYR B 46 4.11 -1.78 40.15
C TYR B 46 3.37 -0.68 39.37
N LEU B 47 4.04 -0.13 38.36
CA LEU B 47 3.48 0.83 37.44
C LEU B 47 3.60 0.22 36.05
N PHE B 48 2.47 0.27 35.31
CA PHE B 48 2.45 -0.16 33.92
C PHE B 48 3.12 0.94 33.08
N CYS B 49 3.97 0.53 32.12
CA CYS B 49 4.69 1.49 31.29
C CYS B 49 4.51 1.20 29.81
N ARG B 50 4.54 2.28 29.01
CA ARG B 50 4.49 2.17 27.56
C ARG B 50 5.67 2.92 26.95
N TYR B 51 6.06 2.46 25.77
CA TYR B 51 7.25 2.92 25.07
C TYR B 51 6.97 2.93 23.57
N TRP B 52 7.28 4.06 22.94
CA TRP B 52 7.34 4.14 21.49
C TRP B 52 8.77 4.55 21.10
N ALA B 53 9.50 3.60 20.53
CA ALA B 53 10.89 3.82 20.19
C ALA B 53 11.02 3.97 18.69
N PRO B 54 11.73 5.02 18.20
CA PRO B 54 12.01 5.13 16.77
C PRO B 54 13.06 4.10 16.36
N THR B 55 13.23 3.93 15.05
CA THR B 55 14.27 3.08 14.50
C THR B 55 15.58 3.86 14.48
N GLY B 56 16.58 3.36 15.20
CA GLY B 56 17.86 4.05 15.33
C GLY B 56 17.86 5.05 16.48
N THR B 57 18.87 5.92 16.50
CA THR B 57 19.09 6.82 17.62
C THR B 57 17.94 7.82 17.72
N PRO B 58 17.31 7.97 18.91
CA PRO B 58 16.36 9.05 19.15
C PRO B 58 17.10 10.38 19.31
N LYS B 59 16.47 11.46 18.83
CA LYS B 59 17.02 12.80 18.98
C LYS B 59 16.79 13.31 20.39
N ALA B 60 15.72 12.80 21.02
CA ALA B 60 15.36 13.24 22.36
C ALA B 60 14.46 12.20 23.03
N LEU B 61 14.15 12.49 24.28
CA LEU B 61 13.24 11.69 25.08
C LEU B 61 12.08 12.59 25.46
N ILE B 62 10.88 12.01 25.42
CA ILE B 62 9.71 12.72 25.88
C ILE B 62 8.84 11.78 26.69
N PHE B 63 8.47 12.25 27.88
CA PHE B 63 7.61 11.49 28.75
C PHE B 63 6.22 12.12 28.79
N VAL B 64 5.20 11.29 28.52
CA VAL B 64 3.81 11.69 28.42
C VAL B 64 3.10 11.39 29.73
N SER B 65 2.48 12.40 30.30
CA SER B 65 1.79 12.29 31.57
C SER B 65 0.27 12.49 31.39
N HIS B 66 -0.51 11.40 31.58
CA HIS B 66 -1.97 11.37 31.43
C HIS B 66 -2.63 12.01 32.66
N GLY B 67 -3.94 12.17 32.63
CA GLY B 67 -4.63 12.95 33.64
C GLY B 67 -5.45 12.09 34.59
N ALA B 68 -6.25 12.74 35.45
CA ALA B 68 -7.01 12.08 36.50
C ALA B 68 -8.07 11.16 35.89
N GLY B 69 -8.14 9.93 36.42
CA GLY B 69 -9.17 9.01 36.00
C GLY B 69 -8.84 8.34 34.68
N GLU B 70 -7.85 8.87 33.94
CA GLU B 70 -7.54 8.25 32.65
C GLU B 70 -6.32 7.36 32.77
N HIS B 71 -5.61 7.16 31.66
CA HIS B 71 -4.50 6.22 31.60
C HIS B 71 -3.69 6.47 30.33
N SER B 72 -2.52 5.84 30.22
CA SER B 72 -1.57 6.26 29.18
C SER B 72 -2.00 5.82 27.78
N GLY B 73 -2.90 4.83 27.68
CA GLY B 73 -3.32 4.30 26.38
C GLY B 73 -4.00 5.35 25.50
N ARG B 74 -4.54 6.38 26.16
CA ARG B 74 -5.28 7.45 25.52
C ARG B 74 -4.36 8.38 24.71
N TYR B 75 -3.04 8.16 24.77
CA TYR B 75 -2.05 9.07 24.20
C TYR B 75 -1.36 8.43 22.98
N GLU B 76 -2.02 7.40 22.44
CA GLU B 76 -1.45 6.50 21.45
C GLU B 76 -1.03 7.28 20.20
N GLU B 77 -1.93 8.16 19.72
CA GLU B 77 -1.78 8.84 18.44
C GLU B 77 -0.77 9.97 18.57
N LEU B 78 -0.92 10.79 19.63
CA LEU B 78 0.12 11.75 19.93
C LEU B 78 1.47 11.04 19.93
N ALA B 79 1.58 9.95 20.71
CA ALA B 79 2.85 9.28 20.93
C ALA B 79 3.43 8.74 19.62
N ARG B 80 2.57 8.29 18.70
CA ARG B 80 3.03 7.78 17.43
C ARG B 80 3.57 8.92 16.55
N MET B 81 2.97 10.11 16.70
CA MET B 81 3.38 11.29 15.95
C MET B 81 4.73 11.79 16.48
N LEU B 82 4.87 11.85 17.81
CA LEU B 82 6.10 12.27 18.44
C LEU B 82 7.25 11.34 18.06
N MET B 83 7.01 10.03 18.11
CA MET B 83 8.02 9.06 17.72
C MET B 83 8.38 9.25 16.24
N GLY B 84 7.41 9.73 15.46
CA GLY B 84 7.58 10.02 14.04
C GLY B 84 8.69 11.04 13.79
N LEU B 85 8.89 11.94 14.76
CA LEU B 85 9.94 12.96 14.70
C LEU B 85 11.24 12.40 15.26
N ASP B 86 11.29 11.08 15.53
CA ASP B 86 12.46 10.36 15.98
C ASP B 86 12.79 10.68 17.44
N LEU B 87 11.77 10.97 18.23
CA LEU B 87 11.88 11.00 19.68
C LEU B 87 11.53 9.62 20.24
N LEU B 88 12.13 9.29 21.38
CA LEU B 88 11.71 8.11 22.13
C LEU B 88 10.64 8.53 23.13
N VAL B 89 9.43 8.00 22.95
CA VAL B 89 8.31 8.37 23.80
C VAL B 89 8.18 7.33 24.90
N PHE B 90 7.90 7.79 26.11
CA PHE B 90 7.62 6.84 27.17
C PHE B 90 6.58 7.44 28.10
N ALA B 91 5.89 6.55 28.81
CA ALA B 91 4.80 6.93 29.69
C ALA B 91 4.59 5.79 30.66
N HIS B 92 3.97 6.10 31.79
CA HIS B 92 3.47 5.04 32.65
C HIS B 92 2.14 5.49 33.21
N ASP B 93 1.31 4.55 33.66
CA ASP B 93 0.08 4.97 34.32
C ASP B 93 0.40 5.35 35.76
N HIS B 94 -0.03 6.55 36.15
CA HIS B 94 0.10 7.00 37.53
C HIS B 94 -0.49 5.96 38.49
N VAL B 95 -0.12 6.04 39.78
CA VAL B 95 -0.69 5.10 40.73
C VAL B 95 -2.19 5.29 40.83
N GLY B 96 -2.90 4.16 40.96
CA GLY B 96 -4.35 4.14 41.06
C GLY B 96 -5.02 4.46 39.73
N HIS B 97 -4.32 4.18 38.62
CA HIS B 97 -4.81 4.47 37.29
C HIS B 97 -4.41 3.35 36.35
N GLY B 98 -5.31 2.99 35.44
CA GLY B 98 -4.95 2.12 34.35
C GLY B 98 -4.51 0.76 34.88
N GLN B 99 -3.42 0.26 34.30
CA GLN B 99 -2.89 -1.06 34.58
C GLN B 99 -1.83 -1.00 35.70
N SER B 100 -1.66 0.17 36.32
CA SER B 100 -0.82 0.28 37.51
C SER B 100 -1.61 -0.17 38.74
N GLU B 101 -0.87 -0.47 39.82
CA GLU B 101 -1.48 -0.87 41.08
C GLU B 101 -1.96 0.37 41.84
N GLY B 102 -2.79 0.10 42.86
CA GLY B 102 -3.25 1.13 43.78
C GLY B 102 -4.76 1.32 43.70
N GLU B 103 -5.36 1.64 44.85
CA GLU B 103 -6.78 1.94 44.98
C GLU B 103 -7.16 3.07 44.03
N ARG B 104 -8.06 2.75 43.08
CA ARG B 104 -8.52 3.64 42.03
C ARG B 104 -8.70 5.07 42.55
N MET B 105 -7.94 5.99 41.97
CA MET B 105 -8.03 7.43 42.20
C MET B 105 -7.92 7.76 43.69
N VAL B 106 -6.80 7.30 44.26
CA VAL B 106 -6.39 7.54 45.63
C VAL B 106 -4.88 7.72 45.63
N VAL B 107 -4.38 8.69 46.38
CA VAL B 107 -2.94 8.84 46.51
C VAL B 107 -2.64 9.27 47.95
N SER B 108 -1.51 8.79 48.50
CA SER B 108 -1.14 9.22 49.84
C SER B 108 -0.87 10.72 49.83
N ASP B 109 -0.20 11.20 48.77
CA ASP B 109 0.03 12.61 48.60
C ASP B 109 0.37 12.89 47.13
N PHE B 110 -0.07 14.06 46.63
CA PHE B 110 0.06 14.42 45.22
C PHE B 110 1.49 14.25 44.72
N HIS B 111 2.45 14.44 45.65
CA HIS B 111 3.87 14.40 45.32
C HIS B 111 4.30 13.04 44.78
N VAL B 112 3.48 12.00 45.02
CA VAL B 112 3.85 10.66 44.57
C VAL B 112 3.96 10.65 43.05
N PHE B 113 3.08 11.40 42.37
CA PHE B 113 3.06 11.37 40.91
C PHE B 113 4.32 12.03 40.36
N VAL B 114 4.71 13.15 40.99
CA VAL B 114 5.92 13.88 40.63
C VAL B 114 7.12 12.94 40.77
N ARG B 115 7.24 12.33 41.95
CA ARG B 115 8.34 11.44 42.30
C ARG B 115 8.46 10.29 41.30
N ASP B 116 7.31 9.65 40.93
CA ASP B 116 7.32 8.46 40.08
C ASP B 116 7.70 8.83 38.64
N VAL B 117 7.33 10.04 38.21
CA VAL B 117 7.84 10.56 36.94
C VAL B 117 9.36 10.75 37.04
N LEU B 118 9.81 11.45 38.08
CA LEU B 118 11.25 11.69 38.20
C LEU B 118 12.03 10.38 38.06
N GLN B 119 11.51 9.33 38.71
CA GLN B 119 12.13 8.02 38.73
C GLN B 119 12.21 7.39 37.35
N HIS B 120 11.12 7.49 36.56
CA HIS B 120 11.08 6.97 35.21
C HIS B 120 12.03 7.80 34.34
N VAL B 121 12.07 9.11 34.59
CA VAL B 121 12.93 9.93 33.76
C VAL B 121 14.41 9.63 34.07
N ASP B 122 14.75 9.51 35.37
CA ASP B 122 16.12 9.16 35.77
C ASP B 122 16.51 7.78 35.22
N SER B 123 15.57 6.83 35.23
CA SER B 123 15.83 5.49 34.72
C SER B 123 16.22 5.56 33.25
N MET B 124 15.47 6.38 32.50
CA MET B 124 15.56 6.40 31.05
C MET B 124 16.79 7.21 30.61
N GLN B 125 17.16 8.22 31.40
CA GLN B 125 18.37 8.99 31.10
C GLN B 125 19.60 8.10 31.24
N LYS B 126 19.63 7.31 32.33
CA LYS B 126 20.63 6.28 32.59
C LYS B 126 20.87 5.44 31.33
N ASP B 127 19.79 5.01 30.66
CA ASP B 127 19.88 4.17 29.48
C ASP B 127 20.28 4.99 28.25
N TYR B 128 19.93 6.27 28.23
CA TYR B 128 20.19 7.11 27.06
C TYR B 128 20.83 8.42 27.50
N PRO B 129 22.07 8.36 28.02
CA PRO B 129 22.68 9.51 28.70
C PRO B 129 22.96 10.61 27.69
N GLY B 130 22.77 11.86 28.10
CA GLY B 130 23.06 13.03 27.29
C GLY B 130 21.95 13.39 26.31
N LEU B 131 20.85 12.64 26.30
CA LEU B 131 19.69 13.05 25.50
C LEU B 131 18.89 14.10 26.28
N PRO B 132 18.43 15.17 25.61
CA PRO B 132 17.49 16.11 26.23
C PRO B 132 16.15 15.41 26.46
N VAL B 133 15.42 15.87 27.49
CA VAL B 133 14.16 15.25 27.86
C VAL B 133 13.09 16.32 27.99
N PHE B 134 11.98 16.08 27.26
CA PHE B 134 10.76 16.86 27.26
C PHE B 134 9.67 16.16 28.09
N LEU B 135 8.71 16.98 28.58
CA LEU B 135 7.49 16.55 29.26
C LEU B 135 6.27 16.97 28.46
N LEU B 136 5.31 16.05 28.29
CA LEU B 136 3.99 16.39 27.75
C LEU B 136 2.93 15.94 28.75
N GLY B 137 2.09 16.88 29.21
CA GLY B 137 1.05 16.62 30.19
C GLY B 137 -0.31 17.23 29.81
N HIS B 138 -1.40 16.48 30.05
CA HIS B 138 -2.75 16.99 29.96
C HIS B 138 -3.36 17.08 31.35
N SER B 139 -4.11 18.16 31.60
CA SER B 139 -4.97 18.26 32.78
C SER B 139 -4.15 18.11 34.06
N MET B 140 -4.51 17.13 34.90
CA MET B 140 -3.76 16.82 36.11
C MET B 140 -2.35 16.39 35.74
N GLY B 141 -2.21 15.67 34.62
CA GLY B 141 -0.93 15.24 34.09
C GLY B 141 -0.05 16.43 33.69
N GLY B 142 -0.69 17.55 33.33
CA GLY B 142 0.01 18.80 33.06
C GLY B 142 0.49 19.48 34.35
N ALA B 143 -0.33 19.40 35.41
CA ALA B 143 0.07 19.90 36.71
C ALA B 143 1.24 19.07 37.27
N ILE B 144 1.26 17.78 36.94
CA ILE B 144 2.34 16.91 37.37
C ILE B 144 3.62 17.30 36.62
N ALA B 145 3.49 17.69 35.36
CA ALA B 145 4.63 18.08 34.52
C ALA B 145 5.25 19.39 35.02
N ILE B 146 4.40 20.38 35.32
CA ILE B 146 4.83 21.66 35.90
C ILE B 146 5.69 21.42 37.15
N LEU B 147 5.16 20.63 38.09
CA LEU B 147 5.83 20.39 39.36
C LEU B 147 7.11 19.62 39.12
N THR B 148 7.05 18.65 38.21
CA THR B 148 8.23 17.90 37.79
C THR B 148 9.35 18.84 37.30
N ALA B 149 8.98 19.85 36.50
CA ALA B 149 9.95 20.76 35.91
C ALA B 149 10.50 21.71 36.97
N ALA B 150 9.65 22.09 37.93
CA ALA B 150 9.96 23.15 38.89
C ALA B 150 10.89 22.61 39.97
N GLU B 151 10.84 21.30 40.17
CA GLU B 151 11.66 20.59 41.14
C GLU B 151 13.07 20.41 40.58
N ARG B 152 13.23 20.49 39.26
CA ARG B 152 14.52 20.30 38.63
C ARG B 152 14.78 21.45 37.65
N PRO B 153 14.83 22.73 38.12
CA PRO B 153 14.88 23.87 37.21
C PRO B 153 16.16 23.73 36.40
N GLY B 154 16.04 23.85 35.08
CA GLY B 154 17.17 23.75 34.17
C GLY B 154 17.31 22.38 33.52
N HIS B 155 16.58 21.37 34.03
CA HIS B 155 16.85 20.01 33.63
C HIS B 155 16.11 19.60 32.35
N PHE B 156 14.93 20.16 32.08
CA PHE B 156 14.13 19.66 30.97
C PHE B 156 14.28 20.56 29.76
N ALA B 157 14.30 19.98 28.55
CA ALA B 157 14.47 20.73 27.32
C ALA B 157 13.25 21.57 26.95
N GLY B 158 12.07 21.17 27.44
CA GLY B 158 10.81 21.63 26.85
C GLY B 158 9.60 20.95 27.46
N MET B 159 8.55 21.74 27.61
CA MET B 159 7.30 21.28 28.20
C MET B 159 6.14 21.60 27.25
N VAL B 160 5.30 20.59 26.97
CA VAL B 160 4.07 20.73 26.16
C VAL B 160 2.87 20.50 27.08
N LEU B 161 2.04 21.53 27.26
CA LEU B 161 0.89 21.45 28.15
C LEU B 161 -0.44 21.59 27.38
N ILE B 162 -1.29 20.58 27.55
CA ILE B 162 -2.61 20.55 26.96
C ILE B 162 -3.62 20.78 28.09
N SER B 163 -4.12 22.02 28.17
CA SER B 163 -5.10 22.45 29.16
C SER B 163 -4.73 21.90 30.54
N PRO B 164 -3.58 22.35 31.10
CA PRO B 164 -3.04 21.83 32.36
C PRO B 164 -3.83 22.41 33.52
N LEU B 165 -3.87 21.66 34.62
CA LEU B 165 -4.61 22.07 35.79
C LEU B 165 -3.80 23.12 36.54
N VAL B 166 -4.08 24.39 36.24
CA VAL B 166 -3.39 25.50 36.88
C VAL B 166 -4.36 26.21 37.82
N LEU B 167 -5.57 26.49 37.30
CA LEU B 167 -6.64 27.05 38.09
C LEU B 167 -7.86 26.16 37.91
N ALA B 168 -8.46 25.80 39.06
CA ALA B 168 -9.65 24.97 39.08
C ALA B 168 -10.86 25.81 38.66
N ASN B 169 -11.77 25.18 37.91
CA ASN B 169 -12.98 25.84 37.47
C ASN B 169 -13.77 26.32 38.69
N PRO B 170 -14.06 27.64 38.83
CA PRO B 170 -14.57 28.19 40.09
C PRO B 170 -15.95 27.67 40.45
N GLU B 171 -16.82 27.48 39.44
CA GLU B 171 -18.16 26.97 39.64
C GLU B 171 -18.08 25.58 40.26
N SER B 172 -17.24 24.74 39.64
CA SER B 172 -17.04 23.35 40.01
C SER B 172 -16.29 23.25 41.35
N ALA B 173 -15.38 24.20 41.61
CA ALA B 173 -14.48 24.13 42.75
C ALA B 173 -15.21 24.45 44.05
N THR B 174 -16.18 25.36 43.97
CA THR B 174 -16.93 25.76 45.16
C THR B 174 -17.99 24.71 45.48
N THR B 175 -18.71 24.25 44.45
CA THR B 175 -19.72 23.22 44.62
C THR B 175 -19.12 22.03 45.36
N PHE B 176 -17.89 21.67 44.98
CA PHE B 176 -17.21 20.52 45.56
C PHE B 176 -16.77 20.83 46.98
N LYS B 177 -16.37 22.08 47.25
CA LYS B 177 -15.86 22.47 48.57
C LYS B 177 -16.97 22.42 49.62
N VAL B 178 -18.22 22.67 49.19
CA VAL B 178 -19.38 22.63 50.07
C VAL B 178 -19.79 21.17 50.30
N LEU B 179 -19.84 20.41 49.20
CA LEU B 179 -20.10 18.98 49.24
C LEU B 179 -19.03 18.27 50.07
N ALA B 180 -17.83 18.85 50.10
CA ALA B 180 -16.74 18.33 50.92
C ALA B 180 -17.03 18.62 52.39
N ALA B 181 -17.43 19.86 52.68
CA ALA B 181 -17.62 20.38 54.03
C ALA B 181 -18.43 19.43 54.90
N LYS B 182 -19.56 18.94 54.37
CA LYS B 182 -20.44 18.03 55.09
C LYS B 182 -19.69 16.74 55.42
N VAL B 183 -19.22 16.06 54.38
CA VAL B 183 -18.47 14.82 54.50
C VAL B 183 -17.16 15.11 55.24
N PRO B 189 -20.45 9.80 57.25
CA PRO B 189 -19.18 9.07 57.12
C PRO B 189 -18.25 9.50 55.98
N ASN B 190 -18.23 8.75 54.87
CA ASN B 190 -17.19 8.96 53.87
C ASN B 190 -17.62 8.40 52.50
N LEU B 191 -18.25 9.25 51.69
CA LEU B 191 -18.69 8.85 50.35
C LEU B 191 -17.82 9.53 49.30
N SER B 192 -18.40 9.70 48.11
CA SER B 192 -17.73 10.35 46.98
C SER B 192 -18.70 11.36 46.37
N SER B 193 -18.13 12.42 45.78
CA SER B 193 -18.90 13.37 44.98
C SER B 193 -19.47 12.64 43.77
N GLY B 194 -20.23 13.37 42.94
CA GLY B 194 -20.93 12.79 41.81
C GLY B 194 -20.02 12.59 40.59
N PRO B 195 -20.47 11.83 39.58
CA PRO B 195 -19.69 11.63 38.35
C PRO B 195 -19.84 12.81 37.39
N ILE B 196 -18.69 13.39 36.97
CA ILE B 196 -18.69 14.55 36.10
C ILE B 196 -19.43 14.20 34.81
N ASP B 197 -20.33 15.11 34.41
CA ASP B 197 -20.92 15.09 33.09
C ASP B 197 -19.77 14.96 32.09
N SER B 198 -19.62 13.77 31.50
CA SER B 198 -18.51 13.51 30.60
C SER B 198 -18.61 14.39 29.36
N SER B 199 -19.70 15.16 29.24
CA SER B 199 -19.94 15.89 28.00
C SER B 199 -19.08 17.16 27.96
N VAL B 200 -18.54 17.58 29.12
CA VAL B 200 -17.71 18.78 29.20
C VAL B 200 -16.30 18.49 28.71
N LEU B 201 -15.98 17.22 28.50
CA LEU B 201 -14.66 16.82 28.04
C LEU B 201 -14.40 17.35 26.64
N SER B 202 -15.39 17.27 25.74
CA SER B 202 -15.10 17.50 24.33
C SER B 202 -16.41 17.74 23.57
N ARG B 203 -16.36 18.70 22.63
CA ARG B 203 -17.49 18.92 21.77
C ARG B 203 -17.62 17.76 20.79
N ASN B 204 -16.60 16.89 20.77
CA ASN B 204 -16.64 15.74 19.90
C ASN B 204 -17.31 14.60 20.66
N LYS B 205 -18.56 14.27 20.26
CA LYS B 205 -19.47 13.40 20.99
C LYS B 205 -19.00 11.94 20.89
N THR B 206 -18.35 11.58 19.76
CA THR B 206 -17.68 10.31 19.59
C THR B 206 -16.60 10.11 20.66
N GLU B 207 -15.73 11.12 20.81
CA GLU B 207 -14.68 11.05 21.83
C GLU B 207 -15.31 10.93 23.21
N VAL B 208 -16.38 11.69 23.49
CA VAL B 208 -17.03 11.53 24.78
C VAL B 208 -17.53 10.08 24.90
N ASP B 209 -18.02 9.52 23.80
CA ASP B 209 -18.53 8.16 23.88
C ASP B 209 -17.39 7.19 24.19
N ILE B 210 -16.24 7.41 23.55
CA ILE B 210 -15.12 6.49 23.67
C ILE B 210 -14.63 6.51 25.12
N TYR B 211 -14.58 7.71 25.69
CA TYR B 211 -14.27 7.90 27.09
C TYR B 211 -15.20 7.04 27.96
N ASN B 212 -16.49 7.05 27.63
CA ASN B 212 -17.48 6.42 28.48
C ASN B 212 -17.48 4.89 28.33
N SER B 213 -16.79 4.36 27.32
CA SER B 213 -16.81 2.92 27.13
C SER B 213 -15.43 2.29 27.19
N ASP B 214 -14.42 3.06 27.62
CA ASP B 214 -13.07 2.56 27.87
C ASP B 214 -13.03 1.99 29.29
N PRO B 215 -12.78 0.66 29.43
CA PRO B 215 -12.85 0.01 30.74
C PRO B 215 -11.68 0.32 31.69
N LEU B 216 -10.58 0.88 31.17
CA LEU B 216 -9.43 1.27 31.99
C LEU B 216 -9.68 2.57 32.74
N ILE B 217 -10.60 3.40 32.26
CA ILE B 217 -10.93 4.70 32.83
C ILE B 217 -11.65 4.47 34.15
N CYS B 218 -11.51 5.40 35.10
CA CYS B 218 -12.29 5.31 36.33
C CYS B 218 -13.36 6.40 36.29
N ARG B 219 -14.62 5.97 36.14
CA ARG B 219 -15.69 6.93 35.93
C ARG B 219 -16.48 7.13 37.22
N ALA B 220 -16.04 6.46 38.29
CA ALA B 220 -16.61 6.69 39.61
C ALA B 220 -16.58 8.19 39.90
N GLY B 221 -17.46 8.63 40.81
CA GLY B 221 -17.42 10.01 41.27
C GLY B 221 -16.07 10.35 41.90
N LEU B 222 -15.85 11.65 42.14
CA LEU B 222 -14.56 12.09 42.66
C LEU B 222 -14.53 11.93 44.19
N LYS B 223 -13.64 11.05 44.67
CA LYS B 223 -13.47 10.83 46.11
C LYS B 223 -12.99 12.12 46.76
N VAL B 224 -13.50 12.41 47.96
CA VAL B 224 -13.30 13.67 48.65
C VAL B 224 -11.80 13.88 48.94
N CYS B 225 -11.11 12.81 49.37
CA CYS B 225 -9.72 12.95 49.78
C CYS B 225 -8.82 13.17 48.57
N PHE B 226 -9.27 12.78 47.36
CA PHE B 226 -8.52 12.98 46.14
C PHE B 226 -8.81 14.36 45.56
N GLY B 227 -10.06 14.81 45.73
CA GLY B 227 -10.46 16.14 45.32
C GLY B 227 -9.75 17.22 46.12
N ILE B 228 -9.55 16.99 47.43
CA ILE B 228 -8.85 17.97 48.25
C ILE B 228 -7.39 18.04 47.79
N GLN B 229 -6.90 16.92 47.24
CA GLN B 229 -5.52 16.80 46.81
C GLN B 229 -5.31 17.56 45.49
N LEU B 230 -6.31 17.51 44.61
CA LEU B 230 -6.25 18.26 43.35
C LEU B 230 -6.27 19.76 43.64
N LEU B 231 -7.09 20.18 44.62
CA LEU B 231 -7.13 21.57 45.01
C LEU B 231 -5.83 21.93 45.71
N ASN B 232 -5.16 20.90 46.24
CA ASN B 232 -3.86 21.05 46.87
C ASN B 232 -2.84 21.26 45.77
N ALA B 233 -2.95 20.50 44.69
CA ALA B 233 -2.06 20.62 43.55
C ALA B 233 -2.18 22.00 42.91
N VAL B 234 -3.39 22.54 42.85
CA VAL B 234 -3.57 23.87 42.27
C VAL B 234 -2.70 24.85 43.04
N SER B 235 -2.73 24.71 44.36
CA SER B 235 -1.95 25.52 45.29
C SER B 235 -0.45 25.40 44.99
N ARG B 236 0.02 24.15 44.81
CA ARG B 236 1.43 23.87 44.61
C ARG B 236 1.87 24.34 43.22
N VAL B 237 0.95 24.28 42.25
CA VAL B 237 1.28 24.68 40.90
C VAL B 237 1.53 26.19 40.86
N GLU B 238 0.76 26.94 41.66
CA GLU B 238 0.86 28.40 41.65
C GLU B 238 2.19 28.83 42.25
N ARG B 239 2.60 28.17 43.32
CA ARG B 239 3.86 28.48 43.98
C ARG B 239 5.03 28.18 43.05
N ALA B 240 4.87 27.19 42.18
CA ALA B 240 5.96 26.75 41.32
C ALA B 240 6.03 27.59 40.05
N LEU B 241 4.94 28.29 39.70
CA LEU B 241 4.90 29.00 38.44
C LEU B 241 6.08 29.97 38.35
N PRO B 242 6.29 30.87 39.35
CA PRO B 242 7.37 31.85 39.30
C PRO B 242 8.77 31.27 39.07
N LYS B 243 8.93 29.98 39.33
CA LYS B 243 10.23 29.32 39.29
C LYS B 243 10.47 28.66 37.93
N LEU B 244 9.47 28.69 37.05
CA LEU B 244 9.60 27.95 35.81
C LEU B 244 10.53 28.70 34.89
N THR B 245 11.42 27.97 34.20
CA THR B 245 12.31 28.62 33.24
C THR B 245 12.38 27.76 31.99
N VAL B 246 11.85 26.54 32.06
CA VAL B 246 11.81 25.62 30.93
C VAL B 246 10.99 26.25 29.79
N PRO B 247 11.39 26.01 28.52
CA PRO B 247 10.52 26.27 27.38
C PRO B 247 9.20 25.50 27.47
N PHE B 248 8.11 26.15 27.01
CA PHE B 248 6.82 25.47 26.93
C PHE B 248 5.92 26.06 25.86
N LEU B 249 5.09 25.16 25.30
CA LEU B 249 3.90 25.38 24.48
C LEU B 249 2.68 25.05 25.34
N LEU B 250 1.68 25.93 25.32
CA LEU B 250 0.53 25.83 26.20
C LEU B 250 -0.72 25.98 25.35
N LEU B 251 -1.55 24.91 25.32
CA LEU B 251 -2.77 24.84 24.52
C LEU B 251 -3.96 24.84 25.47
N GLN B 252 -4.87 25.78 25.27
CA GLN B 252 -6.03 25.95 26.14
C GLN B 252 -7.26 26.23 25.28
N GLY B 253 -8.40 25.59 25.62
CA GLY B 253 -9.69 25.97 25.08
C GLY B 253 -10.38 27.02 25.96
N SER B 254 -11.09 27.97 25.32
CA SER B 254 -11.68 29.11 26.01
C SER B 254 -12.90 28.72 26.84
N ALA B 255 -13.52 27.58 26.47
CA ALA B 255 -14.78 27.12 27.03
C ALA B 255 -14.56 25.90 27.92
N ASP B 256 -13.34 25.75 28.45
CA ASP B 256 -12.93 24.63 29.29
C ASP B 256 -13.62 24.75 30.64
N ARG B 257 -14.37 23.71 31.01
CA ARG B 257 -15.15 23.74 32.24
C ARG B 257 -14.49 22.92 33.34
N LEU B 258 -13.33 22.32 33.03
CA LEU B 258 -12.56 21.58 34.04
C LEU B 258 -11.32 22.35 34.47
N CYS B 259 -10.57 22.88 33.49
CA CYS B 259 -9.38 23.66 33.77
C CYS B 259 -9.58 25.09 33.25
N ASP B 260 -9.88 26.01 34.17
CA ASP B 260 -10.22 27.38 33.80
C ASP B 260 -9.12 27.98 32.93
N SER B 261 -9.51 28.55 31.79
CA SER B 261 -8.60 29.13 30.81
C SER B 261 -7.78 30.27 31.41
N LYS B 262 -8.29 30.85 32.50
CA LYS B 262 -7.64 31.92 33.23
C LYS B 262 -6.32 31.40 33.80
N GLY B 263 -6.31 30.10 34.16
CA GLY B 263 -5.12 29.40 34.60
C GLY B 263 -4.01 29.46 33.55
N ALA B 264 -4.39 29.43 32.27
CA ALA B 264 -3.36 29.43 31.24
C ALA B 264 -2.73 30.82 31.09
N TYR B 265 -3.48 31.87 31.44
CA TYR B 265 -2.98 33.23 31.37
C TYR B 265 -2.05 33.47 32.56
N LEU B 266 -2.40 32.85 33.70
CA LEU B 266 -1.59 33.01 34.90
C LEU B 266 -0.23 32.36 34.69
N LEU B 267 -0.23 31.12 34.16
CA LEU B 267 1.00 30.46 33.77
C LEU B 267 1.77 31.35 32.80
N MET B 268 1.05 31.96 31.86
CA MET B 268 1.76 32.68 30.81
C MET B 268 2.45 33.90 31.42
N GLU B 269 1.85 34.43 32.49
CA GLU B 269 2.30 35.67 33.09
C GLU B 269 3.46 35.40 34.05
N LEU B 270 3.31 34.37 34.91
CA LEU B 270 4.15 34.20 36.08
C LEU B 270 5.43 33.42 35.81
N ALA B 271 5.40 32.46 34.87
CA ALA B 271 6.60 31.72 34.52
C ALA B 271 7.67 32.68 33.99
N LYS B 272 8.93 32.33 34.21
CA LYS B 272 10.00 33.22 33.79
C LYS B 272 10.55 32.72 32.46
N SER B 273 10.05 31.58 31.97
CA SER B 273 10.65 30.93 30.82
C SER B 273 10.85 31.95 29.70
N GLN B 274 12.05 31.94 29.09
CA GLN B 274 12.34 32.88 28.02
C GLN B 274 11.63 32.47 26.72
N ASP B 275 11.14 31.23 26.68
CA ASP B 275 10.58 30.65 25.46
C ASP B 275 9.18 30.10 25.73
N LYS B 276 8.17 30.97 25.60
CA LYS B 276 6.80 30.64 25.98
C LYS B 276 5.76 31.04 24.92
N THR B 277 4.84 30.11 24.66
CA THR B 277 3.83 30.24 23.61
C THR B 277 2.49 29.71 24.10
N LEU B 278 1.43 30.48 23.84
CA LEU B 278 0.07 30.14 24.20
C LEU B 278 -0.77 30.15 22.92
N LYS B 279 -1.51 29.05 22.70
CA LYS B 279 -2.62 29.03 21.74
C LYS B 279 -3.92 28.85 22.50
N ILE B 280 -4.86 29.79 22.28
CA ILE B 280 -6.23 29.62 22.73
C ILE B 280 -7.07 29.06 21.58
N TYR B 281 -7.92 28.06 21.88
CA TYR B 281 -8.90 27.57 20.93
C TYR B 281 -10.29 28.06 21.33
N GLU B 282 -10.84 28.97 20.49
CA GLU B 282 -12.10 29.63 20.79
C GLU B 282 -13.25 28.63 20.71
N GLY B 283 -13.97 28.52 21.82
CA GLY B 283 -15.10 27.63 21.94
C GLY B 283 -14.75 26.19 22.33
N ALA B 284 -13.47 25.78 22.29
CA ALA B 284 -13.15 24.39 22.57
C ALA B 284 -13.31 24.08 24.06
N TYR B 285 -13.62 22.81 24.33
CA TYR B 285 -13.73 22.25 25.67
C TYR B 285 -12.34 21.86 26.17
N HIS B 286 -12.23 20.71 26.86
CA HIS B 286 -11.10 20.39 27.72
C HIS B 286 -10.09 19.51 26.99
N VAL B 287 -10.55 18.42 26.38
CA VAL B 287 -9.60 17.44 25.87
C VAL B 287 -9.20 17.82 24.44
N LEU B 288 -8.29 18.80 24.30
CA LEU B 288 -8.05 19.43 23.01
C LEU B 288 -7.52 18.43 21.99
N HIS B 289 -6.75 17.44 22.44
CA HIS B 289 -6.24 16.45 21.50
C HIS B 289 -7.35 15.44 21.14
N LYS B 290 -8.53 15.53 21.77
CA LYS B 290 -9.64 14.68 21.32
C LYS B 290 -10.90 15.52 21.02
N GLU B 291 -10.70 16.66 20.37
CA GLU B 291 -11.77 17.62 20.18
C GLU B 291 -12.33 17.48 18.77
N LEU B 292 -13.01 18.54 18.29
CA LEU B 292 -13.49 18.56 16.92
C LEU B 292 -12.27 18.54 16.01
N PRO B 293 -12.36 17.88 14.84
CA PRO B 293 -11.19 17.70 13.97
C PRO B 293 -10.38 18.97 13.71
N GLU B 294 -11.05 20.10 13.47
CA GLU B 294 -10.37 21.35 13.16
C GLU B 294 -9.42 21.73 14.30
N VAL B 295 -9.87 21.51 15.54
CA VAL B 295 -9.07 21.79 16.71
C VAL B 295 -7.96 20.74 16.84
N THR B 296 -8.34 19.49 17.05
CA THR B 296 -7.45 18.34 17.16
C THR B 296 -6.37 18.33 16.08
N ASN B 297 -6.68 18.74 14.85
CA ASN B 297 -5.67 18.67 13.80
C ASN B 297 -4.65 19.79 14.00
N SER B 298 -5.13 20.94 14.49
CA SER B 298 -4.28 22.07 14.80
C SER B 298 -3.38 21.71 15.98
N VAL B 299 -3.92 20.92 16.91
CA VAL B 299 -3.22 20.54 18.12
C VAL B 299 -2.06 19.61 17.75
N PHE B 300 -2.36 18.60 16.93
CA PHE B 300 -1.29 17.73 16.46
C PHE B 300 -0.26 18.52 15.65
N HIS B 301 -0.69 19.56 14.91
CA HIS B 301 0.23 20.30 14.06
C HIS B 301 1.21 21.16 14.87
N GLU B 302 0.69 21.87 15.88
CA GLU B 302 1.47 22.81 16.66
C GLU B 302 2.50 22.04 17.50
N ILE B 303 2.02 20.99 18.17
CA ILE B 303 2.91 20.11 18.91
C ILE B 303 3.99 19.58 17.97
N ASN B 304 3.59 19.09 16.78
CA ASN B 304 4.57 18.60 15.82
C ASN B 304 5.61 19.67 15.52
N MET B 305 5.17 20.89 15.18
CA MET B 305 6.08 21.95 14.74
C MET B 305 6.98 22.37 15.89
N TRP B 306 6.39 22.57 17.07
CA TRP B 306 7.09 23.10 18.24
C TRP B 306 8.23 22.17 18.66
N VAL B 307 7.98 20.86 18.69
CA VAL B 307 8.96 19.88 19.15
C VAL B 307 10.01 19.69 18.07
N SER B 308 9.55 19.77 16.81
CA SER B 308 10.39 19.61 15.63
C SER B 308 11.50 20.67 15.64
N GLN B 309 11.13 21.89 16.02
CA GLN B 309 12.05 23.02 15.97
C GLN B 309 13.05 22.95 17.13
N ARG B 310 12.77 22.13 18.14
CA ARG B 310 13.58 22.13 19.36
C ARG B 310 14.30 20.80 19.52
N THR B 311 14.50 20.12 18.39
CA THR B 311 15.15 18.82 18.32
C THR B 311 15.86 18.72 16.97
N ALA B 312 15.63 19.71 16.10
CA ALA B 312 16.16 19.72 14.74
C ALA B 312 17.69 19.73 14.76
N MET C 18 11.70 50.33 -71.08
CA MET C 18 11.70 48.85 -70.95
C MET C 18 11.96 48.46 -69.50
N PRO C 19 11.07 47.65 -68.86
CA PRO C 19 11.23 47.25 -67.46
C PRO C 19 12.35 46.23 -67.26
N GLU C 20 12.93 46.20 -66.05
CA GLU C 20 14.05 45.35 -65.71
C GLU C 20 13.72 44.52 -64.47
N GLU C 21 14.37 43.36 -64.35
CA GLU C 21 14.19 42.47 -63.21
C GLU C 21 14.91 43.04 -61.98
N SER C 22 14.43 42.66 -60.80
CA SER C 22 14.97 43.11 -59.52
C SER C 22 16.35 42.49 -59.28
N SER C 23 17.10 43.07 -58.33
CA SER C 23 18.29 42.45 -57.78
C SER C 23 17.96 41.00 -57.43
N PRO C 24 18.77 40.02 -57.87
CA PRO C 24 18.50 38.61 -57.59
C PRO C 24 18.22 38.42 -56.10
N ARG C 25 17.28 37.52 -55.77
CA ARG C 25 16.94 37.20 -54.40
C ARG C 25 18.14 36.50 -53.76
N ARG C 26 18.55 37.01 -52.59
CA ARG C 26 19.76 36.55 -51.92
C ARG C 26 19.40 36.05 -50.52
N THR C 27 20.17 35.06 -50.04
CA THR C 27 20.07 34.53 -48.69
C THR C 27 20.47 35.62 -47.70
N PRO C 28 20.18 35.47 -46.38
CA PRO C 28 20.66 36.43 -45.38
C PRO C 28 22.19 36.44 -45.30
N GLN C 29 22.83 35.60 -46.11
CA GLN C 29 24.28 35.56 -46.21
C GLN C 29 24.71 36.17 -47.54
N SER C 30 23.78 36.86 -48.22
CA SER C 30 24.06 37.58 -49.45
C SER C 30 24.47 36.66 -50.59
N ILE C 31 23.97 35.42 -50.61
CA ILE C 31 24.22 34.52 -51.73
C ILE C 31 22.96 34.42 -52.59
N PRO C 32 23.08 34.61 -53.93
CA PRO C 32 21.91 34.54 -54.83
C PRO C 32 21.26 33.15 -54.85
N TYR C 33 19.97 33.12 -54.51
CA TYR C 33 19.18 31.89 -54.42
C TYR C 33 19.19 31.15 -55.76
N GLN C 34 19.41 31.90 -56.84
CA GLN C 34 19.47 31.32 -58.18
C GLN C 34 20.69 30.39 -58.29
N ASP C 35 21.60 30.49 -57.32
CA ASP C 35 22.83 29.72 -57.32
C ASP C 35 22.71 28.46 -56.44
N LEU C 36 21.71 28.44 -55.54
CA LEU C 36 21.53 27.34 -54.61
C LEU C 36 20.28 26.54 -54.99
N PRO C 37 20.19 25.24 -54.63
CA PRO C 37 18.93 24.50 -54.75
C PRO C 37 17.98 25.13 -53.74
N HIS C 38 16.74 25.39 -54.18
CA HIS C 38 15.80 26.13 -53.35
C HIS C 38 14.37 25.81 -53.78
N LEU C 39 13.42 26.14 -52.90
CA LEU C 39 12.02 26.26 -53.26
C LEU C 39 11.38 27.45 -52.53
N VAL C 40 10.23 27.90 -53.06
CA VAL C 40 9.48 29.01 -52.51
C VAL C 40 8.21 28.48 -51.82
N ASN C 41 7.98 28.95 -50.59
CA ASN C 41 6.85 28.53 -49.77
C ASN C 41 5.62 29.39 -50.09
N ALA C 42 4.52 29.08 -49.40
CA ALA C 42 3.19 29.62 -49.66
C ALA C 42 3.07 31.08 -49.23
N ASP C 43 4.06 31.57 -48.47
CA ASP C 43 4.11 32.96 -48.06
C ASP C 43 5.11 33.73 -48.93
N GLY C 44 5.59 33.09 -50.01
CA GLY C 44 6.56 33.67 -50.92
C GLY C 44 7.97 33.76 -50.35
N GLN C 45 8.27 32.97 -49.31
CA GLN C 45 9.59 33.02 -48.70
C GLN C 45 10.50 31.95 -49.32
N TYR C 46 11.79 32.28 -49.44
CA TYR C 46 12.74 31.36 -50.04
C TYR C 46 13.32 30.44 -48.96
N LEU C 47 13.22 29.14 -49.22
CA LEU C 47 13.83 28.14 -48.36
C LEU C 47 15.02 27.55 -49.09
N PHE C 48 16.17 27.49 -48.38
CA PHE C 48 17.36 26.83 -48.86
C PHE C 48 17.18 25.32 -48.73
N CYS C 49 17.65 24.58 -49.74
CA CYS C 49 17.46 23.13 -49.77
C CYS C 49 18.79 22.40 -49.90
N ARG C 50 18.79 21.15 -49.46
CA ARG C 50 19.92 20.24 -49.60
C ARG C 50 19.42 18.90 -50.12
N TYR C 51 20.24 18.25 -50.94
CA TYR C 51 19.89 16.94 -51.45
C TYR C 51 21.12 16.03 -51.34
N TRP C 52 20.84 14.73 -51.14
CA TRP C 52 21.86 13.70 -51.23
C TRP C 52 21.27 12.53 -52.01
N ALA C 53 21.54 12.51 -53.32
CA ALA C 53 21.00 11.45 -54.16
C ALA C 53 21.96 10.27 -54.14
N PRO C 54 21.45 9.02 -54.07
CA PRO C 54 22.27 7.85 -54.39
C PRO C 54 22.30 7.67 -55.90
N THR C 55 23.26 6.87 -56.36
CA THR C 55 23.40 6.53 -57.77
C THR C 55 22.33 5.51 -58.14
N GLY C 56 21.61 5.79 -59.24
CA GLY C 56 20.52 4.93 -59.70
C GLY C 56 19.22 5.22 -58.95
N THR C 57 18.24 4.33 -59.10
CA THR C 57 16.94 4.47 -58.48
C THR C 57 17.10 4.30 -56.97
N PRO C 58 16.65 5.30 -56.15
CA PRO C 58 16.60 5.13 -54.70
C PRO C 58 15.43 4.23 -54.31
N LYS C 59 15.57 3.54 -53.16
CA LYS C 59 14.55 2.61 -52.69
C LYS C 59 13.49 3.36 -51.89
N ALA C 60 13.85 4.50 -51.30
CA ALA C 60 12.89 5.32 -50.57
C ALA C 60 13.40 6.75 -50.39
N LEU C 61 12.46 7.66 -50.12
CA LEU C 61 12.75 9.06 -49.83
C LEU C 61 12.71 9.27 -48.32
N ILE C 62 13.57 10.17 -47.83
CA ILE C 62 13.53 10.59 -46.43
C ILE C 62 13.82 12.08 -46.31
N PHE C 63 13.07 12.76 -45.45
CA PHE C 63 13.25 14.17 -45.16
C PHE C 63 13.90 14.36 -43.80
N VAL C 64 14.79 15.35 -43.70
CA VAL C 64 15.46 15.66 -42.44
C VAL C 64 15.01 17.04 -41.98
N SER C 65 14.59 17.11 -40.71
CA SER C 65 14.02 18.31 -40.14
C SER C 65 14.86 18.76 -38.94
N HIS C 66 15.48 19.94 -39.07
CA HIS C 66 16.46 20.39 -38.10
C HIS C 66 15.74 21.10 -36.94
N GLY C 67 16.49 21.39 -35.86
CA GLY C 67 15.93 22.01 -34.67
C GLY C 67 16.03 23.54 -34.67
N ALA C 68 15.70 24.11 -33.50
CA ALA C 68 15.68 25.55 -33.28
C ALA C 68 17.10 26.10 -33.16
N GLY C 69 17.38 27.15 -33.94
CA GLY C 69 18.63 27.87 -33.82
C GLY C 69 19.65 27.38 -34.84
N GLU C 70 19.48 26.15 -35.32
CA GLU C 70 20.46 25.54 -36.20
C GLU C 70 19.93 25.51 -37.63
N HIS C 71 20.34 24.49 -38.40
CA HIS C 71 20.15 24.45 -39.83
C HIS C 71 20.53 23.06 -40.36
N SER C 72 20.10 22.77 -41.59
CA SER C 72 20.19 21.42 -42.14
C SER C 72 21.64 21.04 -42.40
N GLY C 73 22.54 22.02 -42.45
CA GLY C 73 23.97 21.79 -42.66
C GLY C 73 24.57 20.82 -41.64
N ARG C 74 24.00 20.82 -40.42
CA ARG C 74 24.57 20.10 -39.30
C ARG C 74 24.21 18.61 -39.35
N TYR C 75 23.58 18.18 -40.45
CA TYR C 75 23.08 16.81 -40.57
C TYR C 75 23.76 16.11 -41.75
N GLU C 76 24.94 16.64 -42.14
CA GLU C 76 25.73 16.12 -43.25
C GLU C 76 26.03 14.64 -43.05
N GLU C 77 26.51 14.31 -41.85
CA GLU C 77 26.97 12.96 -41.54
C GLU C 77 25.82 11.97 -41.67
N LEU C 78 24.76 12.19 -40.87
CA LEU C 78 23.58 11.34 -40.91
C LEU C 78 23.12 11.15 -42.36
N ALA C 79 22.98 12.27 -43.08
CA ALA C 79 22.44 12.27 -44.44
C ALA C 79 23.25 11.33 -45.34
N ARG C 80 24.57 11.48 -45.32
CA ARG C 80 25.48 10.69 -46.13
C ARG C 80 25.29 9.21 -45.83
N MET C 81 25.19 8.87 -44.54
CA MET C 81 24.99 7.50 -44.10
C MET C 81 23.67 6.96 -44.67
N LEU C 82 22.62 7.79 -44.64
CA LEU C 82 21.32 7.37 -45.12
C LEU C 82 21.35 7.19 -46.64
N MET C 83 22.07 8.08 -47.32
CA MET C 83 22.26 8.00 -48.76
C MET C 83 22.96 6.69 -49.11
N GLY C 84 23.89 6.29 -48.23
CA GLY C 84 24.65 5.05 -48.37
C GLY C 84 23.76 3.82 -48.36
N LEU C 85 22.50 4.00 -47.96
CA LEU C 85 21.54 2.91 -47.93
C LEU C 85 20.67 2.94 -49.19
N ASP C 86 20.99 3.86 -50.12
CA ASP C 86 20.31 4.00 -51.39
C ASP C 86 18.98 4.71 -51.23
N LEU C 87 18.87 5.57 -50.20
CA LEU C 87 17.69 6.40 -49.98
C LEU C 87 17.99 7.82 -50.45
N LEU C 88 17.00 8.47 -51.06
CA LEU C 88 17.19 9.86 -51.44
C LEU C 88 16.84 10.77 -50.27
N VAL C 89 17.88 11.38 -49.70
CA VAL C 89 17.76 12.27 -48.55
C VAL C 89 17.55 13.69 -49.06
N PHE C 90 16.62 14.42 -48.44
CA PHE C 90 16.39 15.82 -48.75
C PHE C 90 16.11 16.60 -47.46
N ALA C 91 16.34 17.92 -47.52
CA ALA C 91 16.21 18.81 -46.37
C ALA C 91 15.99 20.24 -46.83
N HIS C 92 15.48 21.08 -45.91
CA HIS C 92 15.54 22.52 -46.09
C HIS C 92 15.70 23.19 -44.73
N ASP C 93 16.23 24.40 -44.73
CA ASP C 93 16.24 25.21 -43.52
C ASP C 93 14.83 25.75 -43.30
N HIS C 94 14.33 25.63 -42.06
CA HIS C 94 13.04 26.19 -41.71
C HIS C 94 13.11 27.70 -41.83
N VAL C 95 11.96 28.37 -42.02
CA VAL C 95 11.94 29.82 -42.08
C VAL C 95 12.61 30.38 -40.83
N GLY C 96 13.51 31.33 -41.03
CA GLY C 96 14.18 32.04 -39.96
C GLY C 96 15.43 31.31 -39.45
N HIS C 97 15.89 30.32 -40.22
CA HIS C 97 17.02 29.48 -39.86
C HIS C 97 17.91 29.28 -41.07
N GLY C 98 19.22 29.17 -40.80
CA GLY C 98 20.24 28.91 -41.81
C GLY C 98 20.13 29.87 -42.99
N GLN C 99 20.13 29.30 -44.20
CA GLN C 99 20.23 30.04 -45.44
C GLN C 99 18.84 30.26 -46.07
N SER C 100 17.81 30.28 -45.22
CA SER C 100 16.45 30.54 -45.66
C SER C 100 16.01 31.91 -45.14
N GLU C 101 14.99 32.49 -45.79
CA GLU C 101 14.53 33.84 -45.47
C GLU C 101 13.79 33.85 -44.14
N GLY C 102 13.37 35.05 -43.71
CA GLY C 102 12.67 35.22 -42.45
C GLY C 102 13.59 35.76 -41.36
N GLU C 103 13.04 36.56 -40.44
CA GLU C 103 13.75 37.04 -39.26
C GLU C 103 14.20 35.84 -38.43
N ARG C 104 15.39 35.96 -37.85
CA ARG C 104 16.01 34.87 -37.10
C ARG C 104 15.13 34.47 -35.92
N MET C 105 14.84 33.16 -35.85
CA MET C 105 14.02 32.55 -34.82
C MET C 105 12.75 33.38 -34.59
N VAL C 106 11.92 33.42 -35.64
CA VAL C 106 10.63 34.10 -35.66
C VAL C 106 9.73 33.36 -36.65
N VAL C 107 8.47 33.14 -36.25
CA VAL C 107 7.48 32.55 -37.15
C VAL C 107 6.09 33.09 -36.80
N SER C 108 5.28 33.29 -37.84
CA SER C 108 3.90 33.76 -37.70
C SER C 108 3.11 32.76 -36.87
N ASP C 109 3.27 31.47 -37.20
CA ASP C 109 2.67 30.38 -36.43
C ASP C 109 3.46 29.10 -36.66
N PHE C 110 3.51 28.25 -35.62
CA PHE C 110 4.34 27.05 -35.62
C PHE C 110 3.97 26.13 -36.78
N HIS C 111 2.74 26.25 -37.29
CA HIS C 111 2.26 25.37 -38.35
C HIS C 111 3.02 25.61 -39.65
N VAL C 112 3.69 26.77 -39.75
CA VAL C 112 4.43 27.16 -40.93
C VAL C 112 5.45 26.08 -41.29
N PHE C 113 6.15 25.56 -40.28
CA PHE C 113 7.21 24.57 -40.47
C PHE C 113 6.63 23.29 -41.06
N VAL C 114 5.49 22.86 -40.51
CA VAL C 114 4.79 21.65 -40.94
C VAL C 114 4.37 21.80 -42.40
N ARG C 115 3.69 22.91 -42.74
CA ARG C 115 3.20 23.14 -44.09
C ARG C 115 4.34 23.06 -45.09
N ASP C 116 5.47 23.67 -44.72
CA ASP C 116 6.63 23.83 -45.59
C ASP C 116 7.28 22.47 -45.84
N VAL C 117 7.22 21.59 -44.82
CA VAL C 117 7.75 20.24 -44.95
C VAL C 117 6.87 19.45 -45.91
N LEU C 118 5.54 19.64 -45.78
CA LEU C 118 4.58 18.89 -46.58
C LEU C 118 4.72 19.27 -48.06
N GLN C 119 4.85 20.58 -48.31
CA GLN C 119 5.12 21.13 -49.63
C GLN C 119 6.33 20.45 -50.25
N HIS C 120 7.46 20.47 -49.53
CA HIS C 120 8.70 19.88 -50.03
C HIS C 120 8.47 18.40 -50.36
N VAL C 121 7.74 17.72 -49.49
CA VAL C 121 7.56 16.27 -49.58
C VAL C 121 6.68 15.94 -50.78
N ASP C 122 5.57 16.69 -50.91
CA ASP C 122 4.60 16.52 -51.99
C ASP C 122 5.29 16.72 -53.33
N SER C 123 6.19 17.71 -53.38
CA SER C 123 6.96 18.05 -54.56
C SER C 123 7.83 16.88 -54.99
N MET C 124 8.59 16.34 -54.02
CA MET C 124 9.55 15.27 -54.23
C MET C 124 8.85 13.99 -54.66
N GLN C 125 7.64 13.76 -54.11
CA GLN C 125 6.86 12.58 -54.39
C GLN C 125 6.37 12.60 -55.84
N LYS C 126 6.06 13.81 -56.34
CA LYS C 126 5.66 14.01 -57.73
C LYS C 126 6.84 13.78 -58.66
N ASP C 127 8.06 14.00 -58.15
CA ASP C 127 9.29 13.74 -58.88
C ASP C 127 9.67 12.27 -58.78
N TYR C 128 9.18 11.59 -57.73
CA TYR C 128 9.50 10.20 -57.49
C TYR C 128 8.24 9.45 -57.07
N PRO C 129 7.33 9.15 -58.02
CA PRO C 129 6.02 8.58 -57.69
C PRO C 129 6.13 7.15 -57.17
N GLY C 130 5.34 6.85 -56.13
CA GLY C 130 5.18 5.50 -55.61
C GLY C 130 6.27 5.10 -54.62
N LEU C 131 7.19 6.03 -54.31
CA LEU C 131 8.27 5.76 -53.38
C LEU C 131 7.84 6.10 -51.96
N PRO C 132 8.07 5.19 -50.99
CA PRO C 132 7.81 5.47 -49.58
C PRO C 132 8.63 6.67 -49.07
N VAL C 133 8.09 7.36 -48.06
CA VAL C 133 8.71 8.58 -47.55
C VAL C 133 8.84 8.49 -46.02
N PHE C 134 10.07 8.73 -45.53
CA PHE C 134 10.41 8.69 -44.12
C PHE C 134 10.73 10.09 -43.61
N LEU C 135 10.41 10.34 -42.32
CA LEU C 135 10.83 11.57 -41.67
C LEU C 135 11.95 11.26 -40.68
N LEU C 136 12.83 12.24 -40.49
CA LEU C 136 13.81 12.23 -39.40
C LEU C 136 13.88 13.65 -38.85
N GLY C 137 13.87 13.77 -37.51
CA GLY C 137 14.01 15.08 -36.92
C GLY C 137 14.59 14.99 -35.52
N HIS C 138 15.32 16.06 -35.14
CA HIS C 138 15.85 16.18 -33.79
C HIS C 138 15.25 17.41 -33.12
N SER C 139 14.84 17.24 -31.85
CA SER C 139 14.41 18.36 -31.02
C SER C 139 13.16 19.00 -31.61
N MET C 140 13.11 20.34 -31.68
CA MET C 140 11.98 21.04 -32.28
C MET C 140 11.64 20.41 -33.63
N GLY C 141 12.69 19.97 -34.36
CA GLY C 141 12.52 19.32 -35.65
C GLY C 141 11.75 18.00 -35.53
N GLY C 142 11.94 17.31 -34.40
CA GLY C 142 11.20 16.10 -34.11
C GLY C 142 9.72 16.38 -33.90
N ALA C 143 9.43 17.47 -33.18
CA ALA C 143 8.06 17.93 -32.98
C ALA C 143 7.41 18.24 -34.32
N ILE C 144 8.16 18.91 -35.20
CA ILE C 144 7.71 19.22 -36.54
C ILE C 144 7.38 17.93 -37.30
N ALA C 145 8.19 16.89 -37.08
CA ALA C 145 8.04 15.57 -37.68
C ALA C 145 6.77 14.88 -37.17
N ILE C 146 6.48 15.01 -35.87
CA ILE C 146 5.33 14.36 -35.26
C ILE C 146 4.06 14.97 -35.81
N LEU C 147 4.04 16.31 -35.88
CA LEU C 147 2.85 17.04 -36.30
C LEU C 147 2.61 16.80 -37.79
N THR C 148 3.72 16.65 -38.53
CA THR C 148 3.69 16.31 -39.94
C THR C 148 3.00 14.97 -40.16
N ALA C 149 3.35 13.96 -39.36
CA ALA C 149 2.82 12.61 -39.54
C ALA C 149 1.36 12.52 -39.08
N ALA C 150 1.03 13.29 -38.03
CA ALA C 150 -0.31 13.28 -37.45
C ALA C 150 -1.32 13.84 -38.45
N GLU C 151 -0.88 14.81 -39.26
CA GLU C 151 -1.73 15.53 -40.20
C GLU C 151 -1.96 14.68 -41.45
N ARG C 152 -1.11 13.69 -41.69
CA ARG C 152 -1.29 12.79 -42.82
C ARG C 152 -1.17 11.35 -42.31
N PRO C 153 -2.17 10.85 -41.55
CA PRO C 153 -2.03 9.55 -40.88
C PRO C 153 -1.96 8.43 -41.91
N GLY C 154 -0.91 7.60 -41.78
CA GLY C 154 -0.70 6.45 -42.65
C GLY C 154 -0.17 6.83 -44.05
N HIS C 155 0.47 7.99 -44.15
CA HIS C 155 1.04 8.43 -45.42
C HIS C 155 2.55 8.16 -45.44
N PHE C 156 3.20 8.33 -44.29
CA PHE C 156 4.64 8.14 -44.16
C PHE C 156 4.93 6.69 -43.79
N ALA C 157 6.12 6.20 -44.19
CA ALA C 157 6.46 4.80 -43.98
C ALA C 157 7.17 4.58 -42.65
N GLY C 158 7.74 5.64 -42.08
CA GLY C 158 8.48 5.52 -40.83
C GLY C 158 9.01 6.87 -40.37
N MET C 159 9.49 6.94 -39.13
CA MET C 159 9.86 8.21 -38.54
C MET C 159 10.92 8.02 -37.46
N VAL C 160 12.09 8.67 -37.66
CA VAL C 160 13.21 8.62 -36.74
C VAL C 160 13.25 9.92 -35.93
N LEU C 161 13.27 9.78 -34.60
CA LEU C 161 13.22 10.93 -33.69
C LEU C 161 14.45 10.91 -32.79
N ILE C 162 15.27 11.96 -32.87
CA ILE C 162 16.41 12.12 -31.96
C ILE C 162 16.05 13.20 -30.94
N SER C 163 15.82 12.76 -29.69
CA SER C 163 15.34 13.58 -28.59
C SER C 163 14.36 14.64 -29.06
N PRO C 164 13.16 14.25 -29.54
CA PRO C 164 12.17 15.21 -30.04
C PRO C 164 11.51 15.95 -28.88
N LEU C 165 11.03 17.16 -29.18
CA LEU C 165 10.36 18.02 -28.21
C LEU C 165 8.93 17.52 -28.00
N VAL C 166 8.74 16.73 -26.94
CA VAL C 166 7.43 16.24 -26.55
C VAL C 166 7.08 16.83 -25.19
N LEU C 167 8.09 16.86 -24.31
CA LEU C 167 8.00 17.57 -23.05
C LEU C 167 9.24 18.42 -22.86
N ALA C 168 9.02 19.70 -22.51
CA ALA C 168 10.09 20.64 -22.23
C ALA C 168 10.59 20.43 -20.81
N ASN C 169 11.82 20.86 -20.55
CA ASN C 169 12.47 20.68 -19.25
C ASN C 169 11.79 21.56 -18.20
N PRO C 170 11.28 20.98 -17.09
CA PRO C 170 10.56 21.75 -16.07
C PRO C 170 11.33 22.93 -15.48
N GLU C 171 12.65 22.77 -15.36
CA GLU C 171 13.51 23.79 -14.76
C GLU C 171 13.67 24.99 -15.68
N SER C 172 13.37 24.81 -16.96
CA SER C 172 13.49 25.88 -17.96
C SER C 172 12.13 26.44 -18.34
N ALA C 173 11.15 25.54 -18.48
CA ALA C 173 9.82 25.88 -18.98
C ALA C 173 9.12 26.83 -18.00
N THR C 174 9.32 26.59 -16.70
CA THR C 174 8.69 27.40 -15.68
C THR C 174 9.41 28.74 -15.59
N THR C 175 10.75 28.72 -15.62
CA THR C 175 11.56 29.92 -15.52
C THR C 175 11.23 30.86 -16.68
N PHE C 176 10.97 30.29 -17.85
CA PHE C 176 10.62 31.04 -19.04
C PHE C 176 9.24 31.68 -18.88
N LYS C 177 8.28 30.91 -18.34
CA LYS C 177 6.90 31.32 -18.20
C LYS C 177 6.79 32.55 -17.28
N VAL C 178 7.62 32.55 -16.22
CA VAL C 178 7.68 33.62 -15.24
C VAL C 178 8.26 34.87 -15.90
N LEU C 179 9.38 34.69 -16.62
CA LEU C 179 10.05 35.77 -17.34
C LEU C 179 9.11 36.35 -18.40
N ALA C 180 8.31 35.47 -19.03
CA ALA C 180 7.39 35.88 -20.08
C ALA C 180 6.24 36.68 -19.46
N ALA C 181 5.79 36.26 -18.27
CA ALA C 181 4.73 36.94 -17.55
C ALA C 181 5.14 38.38 -17.24
N LYS C 182 6.45 38.59 -17.06
CA LYS C 182 7.01 39.86 -16.66
C LYS C 182 7.28 40.75 -17.88
N VAL C 183 7.13 40.21 -19.09
CA VAL C 183 7.40 40.99 -20.29
C VAL C 183 6.09 41.35 -20.98
N SER C 193 16.08 37.37 -24.78
CA SER C 193 16.66 37.43 -23.41
C SER C 193 17.32 36.10 -23.06
N GLY C 194 18.60 36.18 -22.66
CA GLY C 194 19.36 35.10 -22.06
C GLY C 194 19.65 33.96 -23.05
N PRO C 195 20.87 33.90 -23.64
CA PRO C 195 21.29 32.74 -24.44
C PRO C 195 21.54 31.53 -23.55
N ILE C 196 21.13 30.34 -24.01
CA ILE C 196 21.30 29.11 -23.26
C ILE C 196 22.79 28.76 -23.19
N ASP C 197 23.21 28.25 -22.03
CA ASP C 197 24.51 27.63 -21.89
C ASP C 197 24.53 26.38 -22.76
N SER C 198 25.27 26.47 -23.87
CA SER C 198 25.26 25.46 -24.90
C SER C 198 25.89 24.14 -24.41
N SER C 199 26.50 24.16 -23.22
CA SER C 199 27.16 22.97 -22.69
C SER C 199 26.14 21.86 -22.44
N VAL C 200 24.85 22.21 -22.34
CA VAL C 200 23.81 21.21 -22.08
C VAL C 200 23.57 20.35 -23.31
N LEU C 201 24.11 20.77 -24.46
CA LEU C 201 23.77 20.13 -25.72
C LEU C 201 24.40 18.73 -25.79
N SER C 202 25.62 18.60 -25.26
CA SER C 202 26.45 17.41 -25.43
C SER C 202 27.57 17.37 -24.40
N ARG C 203 27.95 16.14 -24.00
CA ARG C 203 29.06 15.95 -23.09
C ARG C 203 30.37 16.13 -23.87
N ASN C 204 30.27 15.88 -25.18
CA ASN C 204 31.36 16.05 -26.13
C ASN C 204 31.64 17.54 -26.30
N LYS C 205 32.69 18.02 -25.61
CA LYS C 205 32.99 19.44 -25.49
C LYS C 205 33.38 20.01 -26.85
N THR C 206 33.94 19.17 -27.72
CA THR C 206 34.30 19.53 -29.09
C THR C 206 33.06 20.00 -29.84
N GLU C 207 31.98 19.22 -29.75
CA GLU C 207 30.74 19.46 -30.48
C GLU C 207 30.05 20.72 -29.96
N VAL C 208 30.19 20.97 -28.65
CA VAL C 208 29.72 22.20 -28.04
C VAL C 208 30.45 23.37 -28.71
N ASP C 209 31.76 23.20 -28.91
CA ASP C 209 32.62 24.26 -29.42
C ASP C 209 32.29 24.56 -30.88
N ILE C 210 31.86 23.52 -31.62
CA ILE C 210 31.51 23.65 -33.04
C ILE C 210 30.18 24.40 -33.18
N TYR C 211 29.28 24.22 -32.19
CA TYR C 211 28.02 24.94 -32.12
C TYR C 211 28.31 26.43 -31.92
N ASN C 212 29.32 26.71 -31.10
CA ASN C 212 29.64 28.05 -30.65
C ASN C 212 30.40 28.83 -31.72
N SER C 213 30.69 28.18 -32.86
CA SER C 213 31.50 28.82 -33.88
C SER C 213 30.95 28.59 -35.29
N ASP C 214 29.74 28.04 -35.37
CA ASP C 214 29.03 27.95 -36.65
C ASP C 214 28.33 29.28 -36.89
N PRO C 215 28.60 29.96 -38.04
CA PRO C 215 27.97 31.25 -38.34
C PRO C 215 26.46 31.17 -38.60
N LEU C 216 25.99 30.00 -39.03
CA LEU C 216 24.62 29.82 -39.47
C LEU C 216 23.68 29.61 -38.28
N ILE C 217 24.26 29.38 -37.09
CA ILE C 217 23.49 29.17 -35.88
C ILE C 217 23.11 30.53 -35.28
N CYS C 218 21.87 30.63 -34.81
CA CYS C 218 21.41 31.83 -34.11
C CYS C 218 21.56 31.62 -32.62
N ARG C 219 22.49 32.38 -31.99
CA ARG C 219 22.83 32.18 -30.60
C ARG C 219 22.25 33.28 -29.70
N ALA C 220 21.46 34.18 -30.31
CA ALA C 220 20.77 35.22 -29.56
C ALA C 220 19.77 34.57 -28.61
N GLY C 221 19.52 35.25 -27.48
CA GLY C 221 18.59 34.79 -26.47
C GLY C 221 17.20 34.52 -27.07
N LEU C 222 16.54 33.48 -26.54
CA LEU C 222 15.21 33.10 -26.98
C LEU C 222 14.28 34.30 -26.87
N LYS C 223 13.69 34.70 -28.01
CA LYS C 223 12.69 35.75 -28.03
C LYS C 223 11.39 35.19 -27.45
N VAL C 224 10.71 36.00 -26.63
CA VAL C 224 9.54 35.54 -25.91
C VAL C 224 8.48 35.01 -26.89
N CYS C 225 8.33 35.69 -28.03
CA CYS C 225 7.27 35.38 -28.99
C CYS C 225 7.49 34.02 -29.65
N PHE C 226 8.75 33.57 -29.75
CA PHE C 226 9.06 32.27 -30.30
C PHE C 226 8.89 31.21 -29.22
N GLY C 227 9.38 31.52 -28.01
CA GLY C 227 9.32 30.65 -26.86
C GLY C 227 7.90 30.18 -26.55
N ILE C 228 6.95 31.12 -26.59
CA ILE C 228 5.56 30.79 -26.30
C ILE C 228 5.05 29.77 -27.33
N GLN C 229 5.49 29.93 -28.58
CA GLN C 229 5.04 29.08 -29.68
C GLN C 229 5.58 27.67 -29.53
N LEU C 230 6.79 27.55 -28.97
CA LEU C 230 7.40 26.25 -28.72
C LEU C 230 6.63 25.51 -27.64
N LEU C 231 6.30 26.22 -26.55
CA LEU C 231 5.51 25.64 -25.47
C LEU C 231 4.13 25.26 -26.00
N ASN C 232 3.68 26.02 -27.01
CA ASN C 232 2.41 25.79 -27.67
C ASN C 232 2.53 24.55 -28.56
N ALA C 233 3.70 24.39 -29.20
CA ALA C 233 3.97 23.21 -30.00
C ALA C 233 3.96 21.96 -29.13
N VAL C 234 4.46 22.07 -27.89
CA VAL C 234 4.49 20.98 -26.94
C VAL C 234 3.06 20.46 -26.74
N SER C 235 2.12 21.41 -26.63
CA SER C 235 0.73 21.08 -26.40
C SER C 235 0.12 20.43 -27.65
N ARG C 236 0.45 20.96 -28.84
CA ARG C 236 -0.09 20.43 -30.08
C ARG C 236 0.42 19.01 -30.32
N VAL C 237 1.64 18.73 -29.81
CA VAL C 237 2.30 17.44 -29.98
C VAL C 237 1.57 16.39 -29.14
N GLU C 238 1.38 16.70 -27.85
CA GLU C 238 0.70 15.82 -26.90
C GLU C 238 -0.71 15.49 -27.40
N ARG C 239 -1.33 16.46 -28.07
CA ARG C 239 -2.66 16.27 -28.63
C ARG C 239 -2.58 15.40 -29.90
N ALA C 240 -1.41 15.36 -30.53
CA ALA C 240 -1.22 14.63 -31.78
C ALA C 240 -0.89 13.16 -31.52
N LEU C 241 -0.24 12.88 -30.38
CA LEU C 241 0.30 11.56 -30.10
C LEU C 241 -0.75 10.46 -30.30
N PRO C 242 -1.97 10.54 -29.72
CA PRO C 242 -2.98 9.49 -29.90
C PRO C 242 -3.42 9.20 -31.33
N LYS C 243 -2.97 10.02 -32.29
CA LYS C 243 -3.33 9.88 -33.69
C LYS C 243 -2.22 9.18 -34.47
N LEU C 244 -1.01 9.18 -33.89
CA LEU C 244 0.17 8.64 -34.53
C LEU C 244 -0.01 7.14 -34.73
N THR C 245 0.13 6.71 -36.00
CA THR C 245 0.11 5.30 -36.31
C THR C 245 1.36 4.91 -37.10
N VAL C 246 2.15 5.93 -37.51
CA VAL C 246 3.37 5.75 -38.28
C VAL C 246 4.37 4.91 -37.48
N PRO C 247 5.12 3.98 -38.12
CA PRO C 247 6.21 3.29 -37.46
C PRO C 247 7.27 4.33 -37.09
N PHE C 248 7.95 4.12 -35.95
CA PHE C 248 8.96 5.06 -35.51
C PHE C 248 9.99 4.41 -34.59
N LEU C 249 11.25 4.84 -34.75
CA LEU C 249 12.34 4.65 -33.81
C LEU C 249 12.54 5.95 -33.03
N LEU C 250 12.85 5.84 -31.73
CA LEU C 250 12.96 6.98 -30.84
C LEU C 250 14.23 6.85 -29.99
N LEU C 251 15.05 7.90 -30.02
CA LEU C 251 16.35 7.89 -29.37
C LEU C 251 16.45 9.07 -28.41
N GLN C 252 16.74 8.78 -27.14
CA GLN C 252 16.63 9.77 -26.08
C GLN C 252 17.73 9.54 -25.05
N GLY C 253 18.39 10.62 -24.65
CA GLY C 253 19.31 10.61 -23.52
C GLY C 253 18.59 10.88 -22.20
N SER C 254 19.10 10.29 -21.12
CA SER C 254 18.40 10.29 -19.83
C SER C 254 18.66 11.59 -19.07
N ALA C 255 19.75 12.28 -19.42
CA ALA C 255 20.18 13.46 -18.68
C ALA C 255 20.00 14.71 -19.54
N ASP C 256 19.16 14.59 -20.56
CA ASP C 256 18.79 15.67 -21.47
C ASP C 256 18.06 16.76 -20.69
N ARG C 257 18.65 17.97 -20.66
CA ARG C 257 18.11 19.08 -19.89
C ARG C 257 17.40 20.08 -20.81
N LEU C 258 17.15 19.69 -22.06
CA LEU C 258 16.37 20.53 -22.96
C LEU C 258 15.00 19.90 -23.20
N CYS C 259 14.99 18.70 -23.78
CA CYS C 259 13.75 17.94 -23.91
C CYS C 259 13.77 16.80 -22.91
N ASP C 260 12.86 16.87 -21.93
CA ASP C 260 12.85 15.94 -20.82
C ASP C 260 12.59 14.52 -21.33
N SER C 261 13.33 13.56 -20.77
CA SER C 261 13.25 12.17 -21.20
C SER C 261 11.85 11.62 -20.97
N LYS C 262 11.11 12.19 -20.00
CA LYS C 262 9.74 11.80 -19.71
C LYS C 262 8.87 12.00 -20.95
N GLY C 263 9.27 12.95 -21.80
CA GLY C 263 8.57 13.23 -23.05
C GLY C 263 8.63 12.04 -24.00
N ALA C 264 9.72 11.27 -23.91
CA ALA C 264 9.93 10.12 -24.77
C ALA C 264 9.06 8.95 -24.29
N TYR C 265 8.97 8.77 -22.98
CA TYR C 265 8.13 7.72 -22.41
C TYR C 265 6.67 7.99 -22.78
N LEU C 266 6.28 9.28 -22.69
CA LEU C 266 4.92 9.72 -22.93
C LEU C 266 4.52 9.40 -24.38
N LEU C 267 5.43 9.70 -25.31
CA LEU C 267 5.23 9.39 -26.71
C LEU C 267 5.14 7.87 -26.88
N MET C 268 5.90 7.15 -26.06
CA MET C 268 5.96 5.71 -26.21
C MET C 268 4.64 5.11 -25.74
N GLU C 269 4.04 5.76 -24.74
CA GLU C 269 2.81 5.27 -24.13
C GLU C 269 1.61 5.56 -25.02
N LEU C 270 1.59 6.74 -25.66
CA LEU C 270 0.35 7.27 -26.21
C LEU C 270 0.17 6.94 -27.69
N ALA C 271 1.26 6.81 -28.44
CA ALA C 271 1.14 6.56 -29.87
C ALA C 271 0.51 5.19 -30.12
N LYS C 272 -0.29 5.09 -31.18
CA LYS C 272 -1.06 3.89 -31.44
C LYS C 272 -0.30 2.93 -32.35
N SER C 273 0.90 3.35 -32.78
CA SER C 273 1.70 2.69 -33.80
C SER C 273 2.07 1.27 -33.40
N GLN C 274 1.91 0.33 -34.35
CA GLN C 274 2.15 -1.09 -34.09
C GLN C 274 3.64 -1.36 -33.99
N ASP C 275 4.41 -0.57 -34.75
CA ASP C 275 5.86 -0.66 -34.80
C ASP C 275 6.48 0.57 -34.12
N LYS C 276 6.90 0.39 -32.86
CA LYS C 276 7.52 1.45 -32.07
C LYS C 276 8.64 0.91 -31.19
N THR C 277 9.79 1.59 -31.23
CA THR C 277 10.98 1.24 -30.47
C THR C 277 11.53 2.49 -29.79
N LEU C 278 11.93 2.33 -28.52
CA LEU C 278 12.68 3.35 -27.79
C LEU C 278 14.07 2.81 -27.47
N LYS C 279 15.07 3.70 -27.53
CA LYS C 279 16.40 3.40 -27.03
C LYS C 279 16.86 4.57 -26.16
N ILE C 280 17.30 4.24 -24.93
CA ILE C 280 17.66 5.23 -23.94
C ILE C 280 19.17 5.19 -23.75
N TYR C 281 19.77 6.39 -23.74
CA TYR C 281 21.21 6.51 -23.57
C TYR C 281 21.50 7.07 -22.18
N GLU C 282 21.99 6.19 -21.30
CA GLU C 282 22.17 6.50 -19.89
C GLU C 282 23.29 7.54 -19.72
N GLY C 283 22.91 8.71 -19.22
CA GLY C 283 23.85 9.77 -18.91
C GLY C 283 24.03 10.79 -20.04
N ALA C 284 23.51 10.47 -21.22
CA ALA C 284 23.67 11.29 -22.42
C ALA C 284 22.88 12.58 -22.30
N TYR C 285 23.29 13.56 -23.11
CA TYR C 285 22.70 14.88 -23.12
C TYR C 285 21.67 14.96 -24.23
N HIS C 286 21.55 16.14 -24.85
CA HIS C 286 20.46 16.43 -25.78
C HIS C 286 20.78 15.93 -27.19
N VAL C 287 21.94 16.31 -27.73
CA VAL C 287 22.25 16.12 -29.14
C VAL C 287 22.98 14.78 -29.32
N LEU C 288 22.21 13.69 -29.42
CA LEU C 288 22.76 12.35 -29.34
C LEU C 288 23.66 12.05 -30.55
N HIS C 289 23.34 12.66 -31.70
CA HIS C 289 24.06 12.39 -32.92
C HIS C 289 25.38 13.16 -32.93
N LYS C 290 25.56 14.00 -31.90
CA LYS C 290 26.78 14.75 -31.69
C LYS C 290 27.20 14.62 -30.22
N GLU C 291 27.07 13.40 -29.68
CA GLU C 291 27.39 13.13 -28.30
C GLU C 291 28.79 12.51 -28.24
N LEU C 292 29.10 11.89 -27.10
CA LEU C 292 30.31 11.10 -26.96
C LEU C 292 30.30 10.00 -28.03
N PRO C 293 31.48 9.63 -28.57
CA PRO C 293 31.57 8.68 -29.68
C PRO C 293 30.78 7.39 -29.51
N GLU C 294 30.83 6.79 -28.31
CA GLU C 294 30.14 5.53 -28.06
C GLU C 294 28.63 5.70 -28.27
N VAL C 295 28.09 6.84 -27.81
CA VAL C 295 26.68 7.15 -27.95
C VAL C 295 26.38 7.43 -29.42
N THR C 296 27.18 8.32 -30.02
CA THR C 296 27.00 8.77 -31.38
C THR C 296 27.06 7.59 -32.35
N ASN C 297 28.02 6.69 -32.12
CA ASN C 297 28.24 5.55 -32.99
C ASN C 297 27.05 4.61 -32.90
N SER C 298 26.50 4.51 -31.68
CA SER C 298 25.30 3.72 -31.42
C SER C 298 24.12 4.33 -32.16
N VAL C 299 23.97 5.66 -32.06
CA VAL C 299 22.86 6.38 -32.69
C VAL C 299 22.89 6.10 -34.19
N PHE C 300 24.08 6.28 -34.81
CA PHE C 300 24.28 6.11 -36.23
C PHE C 300 24.01 4.66 -36.65
N HIS C 301 24.47 3.69 -35.85
CA HIS C 301 24.28 2.28 -36.15
C HIS C 301 22.81 1.88 -36.05
N GLU C 302 22.11 2.39 -35.02
CA GLU C 302 20.72 2.02 -34.77
C GLU C 302 19.81 2.55 -35.88
N ILE C 303 20.01 3.82 -36.26
CA ILE C 303 19.26 4.43 -37.36
C ILE C 303 19.53 3.62 -38.63
N ASN C 304 20.81 3.26 -38.81
CA ASN C 304 21.24 2.50 -39.98
C ASN C 304 20.41 1.22 -40.07
N MET C 305 20.42 0.43 -38.99
CA MET C 305 19.76 -0.86 -38.97
C MET C 305 18.26 -0.68 -39.19
N TRP C 306 17.69 0.29 -38.47
CA TRP C 306 16.25 0.52 -38.46
C TRP C 306 15.74 0.90 -39.86
N VAL C 307 16.44 1.85 -40.51
CA VAL C 307 16.04 2.31 -41.83
C VAL C 307 16.23 1.18 -42.83
N SER C 308 17.32 0.43 -42.62
CA SER C 308 17.76 -0.64 -43.51
C SER C 308 16.69 -1.72 -43.59
N GLN C 309 16.12 -2.07 -42.44
CA GLN C 309 15.18 -3.18 -42.33
C GLN C 309 13.84 -2.81 -42.94
N ARG C 310 13.56 -1.50 -43.09
CA ARG C 310 12.27 -1.03 -43.54
C ARG C 310 12.36 -0.47 -44.96
N THR C 311 13.48 -0.76 -45.65
CA THR C 311 13.68 -0.36 -47.03
C THR C 311 14.25 -1.52 -47.85
N ALA C 312 14.57 -2.64 -47.18
CA ALA C 312 15.15 -3.79 -47.84
C ALA C 312 14.11 -4.46 -48.75
N MET D 18 23.73 -58.41 1.00
CA MET D 18 24.22 -57.40 0.01
C MET D 18 23.19 -56.27 -0.10
N PRO D 19 23.57 -55.00 0.20
CA PRO D 19 22.67 -53.86 0.04
C PRO D 19 22.42 -53.55 -1.44
N GLU D 20 21.33 -52.81 -1.72
CA GLU D 20 20.93 -52.50 -3.09
C GLU D 20 20.48 -51.04 -3.19
N GLU D 21 20.69 -50.45 -4.37
CA GLU D 21 20.33 -49.05 -4.64
C GLU D 21 18.82 -48.91 -4.69
N SER D 22 18.35 -47.70 -4.35
CA SER D 22 16.93 -47.35 -4.34
C SER D 22 16.37 -47.43 -5.76
N SER D 23 15.03 -47.49 -5.84
CA SER D 23 14.30 -47.34 -7.08
C SER D 23 14.79 -46.07 -7.77
N PRO D 24 15.03 -46.10 -9.10
CA PRO D 24 15.53 -44.91 -9.80
C PRO D 24 14.64 -43.71 -9.47
N ARG D 25 15.25 -42.52 -9.41
CA ARG D 25 14.50 -41.28 -9.25
C ARG D 25 13.69 -41.01 -10.50
N ARG D 26 12.43 -40.59 -10.32
CA ARG D 26 11.48 -40.38 -11.41
C ARG D 26 10.92 -38.97 -11.36
N THR D 27 10.57 -38.43 -12.54
CA THR D 27 9.84 -37.18 -12.68
C THR D 27 8.45 -37.34 -12.06
N PRO D 28 7.75 -36.24 -11.69
CA PRO D 28 6.36 -36.35 -11.25
C PRO D 28 5.43 -36.98 -12.28
N GLN D 29 5.93 -37.19 -13.50
CA GLN D 29 5.17 -37.88 -14.54
C GLN D 29 5.64 -39.34 -14.64
N SER D 30 6.48 -39.76 -13.68
CA SER D 30 6.90 -41.15 -13.49
C SER D 30 7.85 -41.62 -14.60
N ILE D 31 8.60 -40.68 -15.20
CA ILE D 31 9.68 -41.05 -16.09
C ILE D 31 10.98 -40.99 -15.31
N PRO D 32 11.86 -42.02 -15.41
CA PRO D 32 13.13 -42.04 -14.66
C PRO D 32 14.07 -40.95 -15.15
N TYR D 33 14.65 -40.20 -14.19
CA TYR D 33 15.56 -39.10 -14.46
C TYR D 33 16.79 -39.58 -15.21
N GLN D 34 17.13 -40.87 -15.07
CA GLN D 34 18.29 -41.44 -15.72
C GLN D 34 18.07 -41.49 -17.23
N ASP D 35 16.83 -41.23 -17.66
CA ASP D 35 16.46 -41.28 -19.07
C ASP D 35 16.40 -39.87 -19.68
N LEU D 36 16.55 -38.84 -18.84
CA LEU D 36 16.39 -37.46 -19.30
C LEU D 36 17.64 -36.65 -18.95
N PRO D 37 17.94 -35.58 -19.70
CA PRO D 37 18.99 -34.63 -19.30
C PRO D 37 18.52 -33.95 -18.01
N HIS D 38 19.45 -33.76 -17.07
CA HIS D 38 19.09 -33.35 -15.72
C HIS D 38 20.32 -32.85 -14.97
N LEU D 39 20.06 -32.03 -13.94
CA LEU D 39 21.05 -31.71 -12.92
C LEU D 39 20.41 -31.81 -11.54
N VAL D 40 21.26 -31.93 -10.51
CA VAL D 40 20.82 -32.00 -9.12
C VAL D 40 21.24 -30.71 -8.41
N ASN D 41 20.26 -30.04 -7.78
CA ASN D 41 20.48 -28.72 -7.19
C ASN D 41 21.02 -28.86 -5.77
N ALA D 42 21.32 -27.71 -5.16
CA ALA D 42 21.93 -27.58 -3.85
C ALA D 42 21.12 -28.33 -2.79
N ASP D 43 19.81 -28.46 -3.04
CA ASP D 43 18.88 -29.02 -2.07
C ASP D 43 18.64 -30.50 -2.38
N GLY D 44 19.30 -31.01 -3.43
CA GLY D 44 19.21 -32.41 -3.79
C GLY D 44 17.98 -32.73 -4.65
N GLN D 45 17.32 -31.68 -5.16
CA GLN D 45 16.17 -31.85 -6.03
C GLN D 45 16.66 -32.01 -7.45
N TYR D 46 16.07 -32.96 -8.18
CA TYR D 46 16.35 -33.13 -9.60
C TYR D 46 15.61 -32.06 -10.40
N LEU D 47 16.31 -31.45 -11.37
CA LEU D 47 15.71 -30.53 -12.34
C LEU D 47 15.87 -31.11 -13.74
N PHE D 48 14.79 -31.11 -14.52
CA PHE D 48 14.81 -31.57 -15.90
C PHE D 48 15.48 -30.52 -16.80
N CYS D 49 16.25 -30.97 -17.81
CA CYS D 49 17.05 -30.10 -18.66
C CYS D 49 16.80 -30.33 -20.15
N ARG D 50 16.80 -29.22 -20.89
CA ARG D 50 16.64 -29.21 -22.34
C ARG D 50 17.83 -28.50 -22.97
N TYR D 51 18.33 -29.07 -24.07
CA TYR D 51 19.47 -28.49 -24.76
C TYR D 51 19.17 -28.41 -26.26
N TRP D 52 19.57 -27.28 -26.86
CA TRP D 52 19.55 -27.11 -28.30
C TRP D 52 20.96 -26.71 -28.73
N ALA D 53 21.68 -27.69 -29.27
CA ALA D 53 23.08 -27.52 -29.62
C ALA D 53 23.20 -27.38 -31.15
N PRO D 54 23.96 -26.38 -31.65
CA PRO D 54 24.23 -26.31 -33.09
C PRO D 54 25.36 -27.26 -33.45
N THR D 55 25.53 -27.48 -34.75
CA THR D 55 26.63 -28.25 -35.29
C THR D 55 27.91 -27.42 -35.24
N GLY D 56 28.93 -27.94 -34.57
CA GLY D 56 30.20 -27.24 -34.42
C GLY D 56 30.18 -26.23 -33.28
N THR D 57 31.18 -25.34 -33.25
CA THR D 57 31.40 -24.43 -32.14
C THR D 57 30.26 -23.42 -32.05
N PRO D 58 29.65 -23.27 -30.85
CA PRO D 58 28.68 -22.22 -30.61
C PRO D 58 29.38 -20.89 -30.38
N LYS D 59 28.77 -19.80 -30.86
CA LYS D 59 29.30 -18.45 -30.70
C LYS D 59 29.08 -17.95 -29.27
N ALA D 60 28.02 -18.44 -28.62
CA ALA D 60 27.62 -18.00 -27.28
C ALA D 60 26.71 -19.03 -26.61
N LEU D 61 26.55 -18.87 -25.28
CA LEU D 61 25.56 -19.61 -24.50
C LEU D 61 24.35 -18.70 -24.24
N ILE D 62 23.17 -19.31 -24.14
CA ILE D 62 21.97 -18.60 -23.74
C ILE D 62 21.10 -19.54 -22.93
N PHE D 63 20.68 -19.08 -21.74
CA PHE D 63 19.74 -19.76 -20.87
C PHE D 63 18.34 -19.19 -21.05
N VAL D 64 17.33 -20.07 -21.06
CA VAL D 64 15.93 -19.69 -21.17
C VAL D 64 15.25 -19.95 -19.82
N SER D 65 14.58 -18.93 -19.29
CA SER D 65 14.02 -18.98 -17.94
C SER D 65 12.50 -18.81 -18.00
N HIS D 66 11.78 -19.94 -17.89
CA HIS D 66 10.34 -19.98 -18.07
C HIS D 66 9.67 -19.27 -16.88
N GLY D 67 8.33 -19.17 -16.93
CA GLY D 67 7.58 -18.42 -15.94
C GLY D 67 6.70 -19.31 -15.07
N ALA D 68 6.00 -18.67 -14.12
CA ALA D 68 5.15 -19.34 -13.13
C ALA D 68 4.14 -20.26 -13.81
N GLY D 69 4.10 -21.52 -13.35
CA GLY D 69 3.05 -22.45 -13.73
C GLY D 69 3.41 -23.25 -14.99
N GLU D 70 4.34 -22.72 -15.80
CA GLU D 70 4.67 -23.36 -17.07
C GLU D 70 6.03 -24.06 -16.97
N HIS D 71 6.68 -24.27 -18.11
CA HIS D 71 7.86 -25.11 -18.20
C HIS D 71 8.62 -24.82 -19.50
N SER D 72 9.83 -25.38 -19.59
CA SER D 72 10.80 -25.04 -20.62
C SER D 72 10.32 -25.46 -22.01
N GLY D 73 9.40 -26.43 -22.06
CA GLY D 73 8.93 -27.03 -23.30
C GLY D 73 8.25 -26.04 -24.24
N ARG D 74 7.66 -24.98 -23.67
CA ARG D 74 6.89 -24.01 -24.44
C ARG D 74 7.81 -23.13 -25.29
N TYR D 75 9.11 -23.21 -25.03
CA TYR D 75 10.10 -22.32 -25.61
C TYR D 75 10.87 -23.02 -26.74
N GLU D 76 10.28 -24.09 -27.30
CA GLU D 76 10.90 -24.84 -28.38
C GLU D 76 11.29 -23.90 -29.53
N GLU D 77 10.28 -23.28 -30.15
CA GLU D 77 10.43 -22.46 -31.34
C GLU D 77 11.50 -21.39 -31.12
N LEU D 78 11.38 -20.65 -30.01
CA LEU D 78 12.34 -19.59 -29.69
C LEU D 78 13.75 -20.16 -29.70
N ALA D 79 13.91 -21.28 -28.98
CA ALA D 79 15.21 -21.90 -28.77
C ALA D 79 15.81 -22.33 -30.09
N ARG D 80 14.98 -22.94 -30.95
CA ARG D 80 15.37 -23.41 -32.26
C ARG D 80 15.88 -22.25 -33.11
N MET D 81 15.22 -21.10 -33.00
CA MET D 81 15.56 -19.92 -33.79
C MET D 81 16.88 -19.34 -33.29
N LEU D 82 17.13 -19.47 -31.98
CA LEU D 82 18.35 -19.00 -31.37
C LEU D 82 19.51 -19.92 -31.73
N MET D 83 19.22 -21.22 -31.83
CA MET D 83 20.21 -22.21 -32.23
C MET D 83 20.59 -22.00 -33.69
N GLY D 84 19.61 -21.57 -34.49
CA GLY D 84 19.83 -21.21 -35.88
C GLY D 84 20.90 -20.13 -36.04
N LEU D 85 21.14 -19.37 -34.97
CA LEU D 85 22.10 -18.29 -34.98
C LEU D 85 23.42 -18.76 -34.37
N ASP D 86 23.56 -20.08 -34.21
CA ASP D 86 24.77 -20.76 -33.79
C ASP D 86 25.07 -20.52 -32.31
N LEU D 87 24.00 -20.36 -31.50
CA LEU D 87 24.13 -20.30 -30.05
C LEU D 87 23.77 -21.66 -29.47
N LEU D 88 24.38 -21.99 -28.34
CA LEU D 88 23.99 -23.17 -27.58
C LEU D 88 22.93 -22.76 -26.55
N VAL D 89 21.69 -23.18 -26.81
CA VAL D 89 20.58 -22.84 -25.95
C VAL D 89 20.47 -23.93 -24.90
N PHE D 90 20.18 -23.54 -23.65
CA PHE D 90 20.03 -24.50 -22.56
C PHE D 90 19.01 -23.99 -21.55
N ALA D 91 18.25 -24.92 -20.96
CA ALA D 91 17.18 -24.57 -20.04
C ALA D 91 16.98 -25.66 -19.01
N HIS D 92 16.14 -25.38 -17.99
CA HIS D 92 15.63 -26.36 -17.04
C HIS D 92 14.29 -25.90 -16.49
N ASP D 93 13.43 -26.84 -16.08
CA ASP D 93 12.22 -26.45 -15.36
C ASP D 93 12.62 -26.12 -13.92
N HIS D 94 12.27 -24.91 -13.47
CA HIS D 94 12.49 -24.50 -12.08
C HIS D 94 11.79 -25.47 -11.12
N VAL D 95 12.20 -25.44 -9.84
CA VAL D 95 11.64 -26.34 -8.84
C VAL D 95 10.13 -26.09 -8.71
N GLY D 96 9.40 -27.19 -8.58
CA GLY D 96 7.94 -27.16 -8.52
C GLY D 96 7.33 -26.82 -9.88
N HIS D 97 8.02 -27.19 -10.96
CA HIS D 97 7.54 -26.94 -12.31
C HIS D 97 7.90 -28.08 -13.25
N GLY D 98 7.06 -28.27 -14.28
CA GLY D 98 7.31 -29.18 -15.39
C GLY D 98 7.72 -30.57 -14.93
N GLN D 99 8.92 -30.97 -15.37
CA GLN D 99 9.39 -32.32 -15.18
C GLN D 99 10.41 -32.37 -14.04
N SER D 100 10.55 -31.25 -13.33
CA SER D 100 11.46 -31.18 -12.19
C SER D 100 10.72 -31.58 -10.92
N GLU D 101 11.49 -31.89 -9.86
CA GLU D 101 10.96 -32.28 -8.57
C GLU D 101 10.37 -31.07 -7.84
N GLY D 102 9.75 -31.33 -6.68
CA GLY D 102 9.20 -30.29 -5.81
C GLY D 102 7.69 -30.14 -6.00
N GLU D 103 6.98 -29.89 -4.88
CA GLU D 103 5.55 -29.61 -4.89
C GLU D 103 5.26 -28.47 -5.86
N ARG D 104 4.21 -28.66 -6.68
CA ARG D 104 3.84 -27.73 -7.73
C ARG D 104 3.75 -26.31 -7.18
N MET D 105 4.52 -25.40 -7.82
CA MET D 105 4.50 -23.96 -7.56
C MET D 105 4.57 -23.68 -6.06
N VAL D 106 5.55 -24.32 -5.41
CA VAL D 106 5.95 -24.02 -4.05
C VAL D 106 7.47 -23.83 -4.07
N VAL D 107 7.95 -22.88 -3.27
CA VAL D 107 9.38 -22.65 -3.17
C VAL D 107 9.69 -22.10 -1.77
N SER D 108 10.75 -22.64 -1.16
CA SER D 108 11.18 -22.25 0.17
C SER D 108 11.49 -20.76 0.19
N ASP D 109 12.14 -20.29 -0.89
CA ASP D 109 12.35 -18.87 -1.11
C ASP D 109 12.58 -18.62 -2.59
N PHE D 110 12.26 -17.40 -3.05
CA PHE D 110 12.34 -17.06 -4.47
C PHE D 110 13.77 -17.20 -4.98
N HIS D 111 14.74 -17.06 -4.08
CA HIS D 111 16.15 -17.06 -4.44
C HIS D 111 16.60 -18.45 -4.90
N VAL D 112 15.77 -19.47 -4.65
CA VAL D 112 16.09 -20.82 -5.08
C VAL D 112 16.22 -20.84 -6.61
N PHE D 113 15.29 -20.15 -7.28
CA PHE D 113 15.24 -20.12 -8.73
C PHE D 113 16.54 -19.55 -9.28
N VAL D 114 16.99 -18.47 -8.63
CA VAL D 114 18.17 -17.70 -9.00
C VAL D 114 19.41 -18.58 -8.84
N ARG D 115 19.55 -19.19 -7.65
CA ARG D 115 20.68 -20.01 -7.27
C ARG D 115 20.85 -21.18 -8.24
N ASP D 116 19.71 -21.75 -8.65
CA ASP D 116 19.68 -22.89 -9.55
C ASP D 116 20.07 -22.48 -10.96
N VAL D 117 19.71 -21.24 -11.35
CA VAL D 117 20.11 -20.73 -12.65
C VAL D 117 21.62 -20.57 -12.67
N LEU D 118 22.17 -19.92 -11.64
CA LEU D 118 23.60 -19.70 -11.52
C LEU D 118 24.35 -21.02 -11.59
N GLN D 119 23.90 -22.02 -10.80
CA GLN D 119 24.52 -23.34 -10.77
C GLN D 119 24.54 -23.96 -12.17
N HIS D 120 23.44 -23.81 -12.92
CA HIS D 120 23.34 -24.40 -14.25
C HIS D 120 24.19 -23.64 -15.26
N VAL D 121 24.39 -22.34 -15.03
CA VAL D 121 25.16 -21.53 -15.96
C VAL D 121 26.65 -21.79 -15.73
N ASP D 122 27.04 -21.87 -14.45
CA ASP D 122 28.39 -22.14 -14.01
C ASP D 122 28.88 -23.48 -14.57
N SER D 123 28.01 -24.49 -14.56
CA SER D 123 28.38 -25.80 -15.06
C SER D 123 28.58 -25.76 -16.56
N MET D 124 27.76 -24.95 -17.24
CA MET D 124 27.82 -24.86 -18.69
C MET D 124 29.05 -24.07 -19.14
N GLN D 125 29.44 -23.06 -18.35
CA GLN D 125 30.59 -22.22 -18.67
C GLN D 125 31.88 -23.03 -18.52
N LYS D 126 31.90 -23.93 -17.53
CA LYS D 126 33.00 -24.85 -17.29
C LYS D 126 33.19 -25.76 -18.50
N ASP D 127 32.07 -26.26 -19.04
CA ASP D 127 32.08 -27.15 -20.19
C ASP D 127 32.42 -26.39 -21.48
N TYR D 128 32.11 -25.08 -21.50
CA TYR D 128 32.36 -24.26 -22.68
C TYR D 128 33.04 -22.96 -22.24
N PRO D 129 34.35 -22.98 -21.94
CA PRO D 129 35.03 -21.84 -21.31
C PRO D 129 35.13 -20.65 -22.27
N GLY D 130 35.02 -19.45 -21.71
CA GLY D 130 35.33 -18.22 -22.42
C GLY D 130 34.18 -17.73 -23.31
N LEU D 131 33.13 -18.54 -23.44
CA LEU D 131 31.99 -18.19 -24.28
C LEU D 131 31.13 -17.15 -23.54
N PRO D 132 30.64 -16.10 -24.24
CA PRO D 132 29.71 -15.14 -23.62
C PRO D 132 28.41 -15.85 -23.28
N VAL D 133 27.75 -15.42 -22.19
CA VAL D 133 26.49 -16.02 -21.79
C VAL D 133 25.38 -14.97 -21.73
N PHE D 134 24.25 -15.29 -22.36
CA PHE D 134 23.04 -14.48 -22.40
C PHE D 134 21.91 -15.15 -21.62
N LEU D 135 20.90 -14.33 -21.27
CA LEU D 135 19.71 -14.80 -20.57
C LEU D 135 18.46 -14.35 -21.34
N LEU D 136 17.53 -15.29 -21.54
CA LEU D 136 16.19 -14.96 -22.00
C LEU D 136 15.21 -15.41 -20.91
N GLY D 137 14.38 -14.47 -20.45
CA GLY D 137 13.40 -14.75 -19.42
C GLY D 137 12.05 -14.09 -19.73
N HIS D 138 10.98 -14.78 -19.33
CA HIS D 138 9.63 -14.28 -19.50
C HIS D 138 8.98 -14.15 -18.12
N SER D 139 8.14 -13.13 -17.94
CA SER D 139 7.27 -13.06 -16.78
C SER D 139 8.06 -13.21 -15.48
N MET D 140 7.78 -14.27 -14.71
CA MET D 140 8.50 -14.61 -13.50
C MET D 140 9.95 -14.97 -13.83
N GLY D 141 10.13 -15.74 -14.91
CA GLY D 141 11.45 -16.11 -15.41
C GLY D 141 12.27 -14.88 -15.80
N GLY D 142 11.58 -13.85 -16.29
CA GLY D 142 12.20 -12.57 -16.55
C GLY D 142 12.72 -11.93 -15.27
N ALA D 143 11.96 -12.08 -14.18
CA ALA D 143 12.34 -11.53 -12.89
C ALA D 143 13.54 -12.30 -12.35
N ILE D 144 13.54 -13.61 -12.55
CA ILE D 144 14.67 -14.47 -12.21
C ILE D 144 15.91 -14.01 -12.98
N ALA D 145 15.76 -13.82 -14.29
CA ALA D 145 16.80 -13.33 -15.18
C ALA D 145 17.39 -12.02 -14.68
N ILE D 146 16.51 -11.10 -14.24
CA ILE D 146 16.97 -9.81 -13.74
C ILE D 146 17.81 -10.03 -12.49
N LEU D 147 17.29 -10.78 -11.51
CA LEU D 147 17.92 -10.94 -10.21
C LEU D 147 19.25 -11.69 -10.36
N THR D 148 19.29 -12.60 -11.33
CA THR D 148 20.47 -13.39 -11.69
C THR D 148 21.59 -12.47 -12.18
N ALA D 149 21.26 -11.59 -13.13
CA ALA D 149 22.21 -10.63 -13.67
C ALA D 149 22.67 -9.68 -12.59
N ALA D 150 21.73 -9.29 -11.70
CA ALA D 150 22.00 -8.33 -10.64
C ALA D 150 22.95 -8.92 -9.60
N GLU D 151 22.99 -10.25 -9.50
CA GLU D 151 23.83 -10.90 -8.51
C GLU D 151 25.28 -10.93 -9.00
N ARG D 152 25.47 -11.08 -10.32
CA ARG D 152 26.79 -11.16 -10.93
C ARG D 152 26.98 -10.00 -11.92
N PRO D 153 27.19 -8.76 -11.43
CA PRO D 153 27.14 -7.57 -12.31
C PRO D 153 28.25 -7.61 -13.36
N GLY D 154 27.86 -7.47 -14.63
CA GLY D 154 28.78 -7.43 -15.75
C GLY D 154 29.44 -8.77 -16.03
N HIS D 155 28.76 -9.86 -15.66
CA HIS D 155 29.23 -11.20 -15.98
C HIS D 155 28.47 -11.73 -17.20
N PHE D 156 27.27 -11.20 -17.41
CA PHE D 156 26.44 -11.62 -18.53
C PHE D 156 26.62 -10.65 -19.70
N ALA D 157 26.58 -11.20 -20.92
CA ALA D 157 26.84 -10.46 -22.14
C ALA D 157 25.61 -9.64 -22.56
N GLY D 158 24.42 -10.13 -22.17
CA GLY D 158 23.17 -9.48 -22.53
C GLY D 158 21.97 -10.19 -21.91
N MET D 159 20.78 -9.67 -22.20
CA MET D 159 19.55 -10.15 -21.57
C MET D 159 18.39 -9.88 -22.52
N VAL D 160 17.53 -10.88 -22.72
CA VAL D 160 16.29 -10.67 -23.42
C VAL D 160 15.13 -10.90 -22.46
N LEU D 161 14.27 -9.88 -22.32
CA LEU D 161 13.11 -9.94 -21.43
C LEU D 161 11.83 -9.79 -22.23
N ILE D 162 10.94 -10.78 -22.06
CA ILE D 162 9.61 -10.79 -22.64
C ILE D 162 8.64 -10.55 -21.49
N SER D 163 8.13 -9.32 -21.40
CA SER D 163 7.21 -8.89 -20.35
C SER D 163 7.61 -9.46 -18.99
N PRO D 164 8.77 -9.04 -18.43
CA PRO D 164 9.23 -9.57 -17.15
C PRO D 164 8.39 -9.02 -16.01
N LEU D 165 8.37 -9.77 -14.89
CA LEU D 165 7.67 -9.34 -13.68
C LEU D 165 8.50 -8.27 -12.98
N VAL D 166 8.10 -7.00 -13.19
CA VAL D 166 8.79 -5.86 -12.61
C VAL D 166 7.82 -5.15 -11.66
N LEU D 167 6.61 -4.91 -12.19
CA LEU D 167 5.50 -4.41 -11.39
C LEU D 167 4.30 -5.33 -11.62
N ALA D 168 3.64 -5.68 -10.51
CA ALA D 168 2.44 -6.50 -10.55
C ALA D 168 1.25 -5.62 -10.92
N ASN D 169 0.27 -6.19 -11.63
CA ASN D 169 -0.97 -5.49 -11.94
C ASN D 169 -1.61 -5.02 -10.64
N PRO D 170 -1.92 -3.70 -10.47
CA PRO D 170 -2.43 -3.18 -9.21
C PRO D 170 -3.79 -3.78 -8.81
N GLU D 171 -4.59 -4.14 -9.83
CA GLU D 171 -5.94 -4.65 -9.63
C GLU D 171 -5.89 -6.06 -9.05
N SER D 172 -4.79 -6.78 -9.30
CA SER D 172 -4.64 -8.14 -8.80
C SER D 172 -3.80 -8.16 -7.52
N ALA D 173 -2.85 -7.23 -7.41
CA ALA D 173 -1.92 -7.18 -6.29
C ALA D 173 -2.63 -6.81 -5.00
N THR D 174 -3.60 -5.88 -5.11
CA THR D 174 -4.35 -5.41 -3.96
C THR D 174 -5.43 -6.43 -3.59
N THR D 175 -6.05 -7.03 -4.62
CA THR D 175 -7.01 -8.11 -4.47
C THR D 175 -6.41 -9.19 -3.57
N PHE D 176 -5.23 -9.67 -4.00
CA PHE D 176 -4.53 -10.77 -3.37
C PHE D 176 -4.13 -10.38 -1.94
N LYS D 177 -3.64 -9.14 -1.76
CA LYS D 177 -3.04 -8.71 -0.51
C LYS D 177 -4.06 -8.71 0.63
N VAL D 178 -5.30 -8.33 0.32
CA VAL D 178 -6.35 -8.29 1.32
C VAL D 178 -6.76 -9.71 1.67
N LEU D 179 -6.82 -10.56 0.64
CA LEU D 179 -7.11 -11.98 0.75
C LEU D 179 -5.98 -12.66 1.53
N ALA D 180 -4.74 -12.19 1.31
CA ALA D 180 -3.55 -12.79 1.88
C ALA D 180 -3.42 -12.44 3.36
N ALA D 181 -3.82 -11.21 3.71
CA ALA D 181 -3.71 -10.71 5.07
C ALA D 181 -4.63 -11.49 6.01
N LYS D 182 -5.69 -12.06 5.43
CA LYS D 182 -6.67 -12.85 6.16
C LYS D 182 -6.16 -14.27 6.39
N VAL D 183 -5.45 -14.82 5.39
CA VAL D 183 -5.06 -16.23 5.41
C VAL D 183 -3.92 -16.42 6.43
N SER D 193 -5.90 -18.99 -2.90
CA SER D 193 -6.50 -18.15 -3.98
C SER D 193 -6.87 -19.02 -5.17
N GLY D 194 -7.72 -18.48 -6.06
CA GLY D 194 -8.31 -19.23 -7.17
C GLY D 194 -7.54 -19.07 -8.48
N PRO D 195 -7.85 -19.91 -9.50
CA PRO D 195 -7.15 -19.84 -10.80
C PRO D 195 -7.36 -18.53 -11.55
N ILE D 196 -6.35 -18.11 -12.31
CA ILE D 196 -6.40 -16.89 -13.10
C ILE D 196 -7.15 -17.18 -14.40
N ASP D 197 -7.97 -16.22 -14.84
CA ASP D 197 -8.57 -16.27 -16.15
C ASP D 197 -7.45 -16.30 -17.17
N SER D 198 -7.39 -17.39 -17.95
CA SER D 198 -6.28 -17.67 -18.84
C SER D 198 -6.46 -16.97 -20.18
N SER D 199 -7.56 -16.22 -20.32
CA SER D 199 -7.84 -15.50 -21.55
C SER D 199 -6.95 -14.26 -21.63
N VAL D 200 -6.37 -13.85 -20.49
CA VAL D 200 -5.58 -12.64 -20.40
C VAL D 200 -4.15 -12.90 -20.87
N LEU D 201 -3.81 -14.17 -21.13
CA LEU D 201 -2.47 -14.50 -21.55
C LEU D 201 -2.19 -13.95 -22.96
N SER D 202 -3.11 -14.20 -23.90
CA SER D 202 -2.87 -13.90 -25.31
C SER D 202 -4.19 -13.65 -26.04
N ARG D 203 -4.13 -12.79 -27.06
CA ARG D 203 -5.27 -12.51 -27.91
C ARG D 203 -5.43 -13.66 -28.91
N ASN D 204 -4.35 -14.41 -29.12
CA ASN D 204 -4.43 -15.66 -29.86
C ASN D 204 -5.11 -16.69 -28.97
N LYS D 205 -6.36 -17.03 -29.29
CA LYS D 205 -7.17 -17.90 -28.46
C LYS D 205 -6.66 -19.34 -28.61
N THR D 206 -6.09 -19.66 -29.77
CA THR D 206 -5.51 -20.96 -30.06
C THR D 206 -4.40 -21.27 -29.07
N GLU D 207 -3.53 -20.28 -28.83
CA GLU D 207 -2.46 -20.41 -27.86
C GLU D 207 -3.05 -20.57 -26.46
N VAL D 208 -4.13 -19.82 -26.18
CA VAL D 208 -4.78 -19.86 -24.86
C VAL D 208 -5.25 -21.29 -24.60
N ASP D 209 -5.85 -21.89 -25.63
CA ASP D 209 -6.35 -23.25 -25.57
C ASP D 209 -5.20 -24.22 -25.31
N ILE D 210 -4.04 -23.97 -25.94
CA ILE D 210 -2.88 -24.85 -25.83
C ILE D 210 -2.35 -24.83 -24.40
N TYR D 211 -2.37 -23.65 -23.76
CA TYR D 211 -2.00 -23.50 -22.37
C TYR D 211 -2.97 -24.29 -21.48
N ASN D 212 -4.24 -24.35 -21.91
CA ASN D 212 -5.32 -24.89 -21.10
C ASN D 212 -5.39 -26.42 -21.17
N SER D 213 -4.51 -27.02 -21.98
CA SER D 213 -4.58 -28.47 -22.19
C SER D 213 -3.17 -29.06 -22.24
N ASP D 214 -2.19 -28.26 -21.81
CA ASP D 214 -0.83 -28.74 -21.65
C ASP D 214 -0.70 -29.37 -20.26
N PRO D 215 -0.50 -30.70 -20.18
CA PRO D 215 -0.45 -31.42 -18.90
C PRO D 215 0.62 -30.95 -17.91
N LEU D 216 1.74 -30.45 -18.43
CA LEU D 216 2.89 -30.10 -17.60
C LEU D 216 2.65 -28.76 -16.90
N ILE D 217 1.62 -28.02 -17.35
CA ILE D 217 1.33 -26.72 -16.78
C ILE D 217 0.46 -26.92 -15.54
N CYS D 218 0.85 -26.24 -14.44
CA CYS D 218 0.01 -26.19 -13.26
C CYS D 218 -1.06 -25.12 -13.47
N ARG D 219 -2.34 -25.53 -13.45
CA ARG D 219 -3.45 -24.62 -13.67
C ARG D 219 -4.21 -24.38 -12.38
N ALA D 220 -3.75 -25.03 -11.30
CA ALA D 220 -4.32 -24.81 -9.98
C ALA D 220 -4.14 -23.34 -9.59
N GLY D 221 -5.03 -22.86 -8.71
CA GLY D 221 -4.99 -21.49 -8.24
C GLY D 221 -3.68 -21.15 -7.54
N LEU D 222 -3.35 -19.85 -7.53
CA LEU D 222 -2.14 -19.34 -6.90
C LEU D 222 -2.21 -19.58 -5.39
N LYS D 223 -1.34 -20.45 -4.89
CA LYS D 223 -1.22 -20.69 -3.45
C LYS D 223 -0.77 -19.40 -2.77
N VAL D 224 -1.26 -19.20 -1.54
CA VAL D 224 -0.98 -18.00 -0.76
C VAL D 224 0.53 -17.88 -0.55
N CYS D 225 1.20 -19.02 -0.30
CA CYS D 225 2.61 -19.03 0.05
C CYS D 225 3.48 -18.70 -1.15
N PHE D 226 2.98 -18.99 -2.37
CA PHE D 226 3.75 -18.72 -3.57
C PHE D 226 3.56 -17.28 -4.02
N GLY D 227 2.34 -16.77 -3.81
CA GLY D 227 1.98 -15.41 -4.22
C GLY D 227 2.74 -14.35 -3.43
N ILE D 228 2.94 -14.62 -2.12
CA ILE D 228 3.70 -13.71 -1.28
C ILE D 228 5.14 -13.65 -1.77
N GLN D 229 5.65 -14.79 -2.26
CA GLN D 229 7.01 -14.90 -2.76
C GLN D 229 7.19 -14.00 -3.99
N LEU D 230 6.14 -13.90 -4.81
CA LEU D 230 6.16 -13.11 -6.04
C LEU D 230 6.19 -11.62 -5.72
N LEU D 231 5.40 -11.20 -4.74
CA LEU D 231 5.41 -9.81 -4.31
C LEU D 231 6.75 -9.49 -3.68
N ASN D 232 7.33 -10.49 -3.03
CA ASN D 232 8.67 -10.41 -2.45
C ASN D 232 9.66 -10.16 -3.59
N ALA D 233 9.52 -10.94 -4.67
CA ALA D 233 10.39 -10.85 -5.83
C ALA D 233 10.26 -9.48 -6.50
N VAL D 234 9.03 -8.96 -6.60
CA VAL D 234 8.75 -7.67 -7.20
C VAL D 234 9.54 -6.58 -6.48
N SER D 235 9.57 -6.68 -5.14
CA SER D 235 10.30 -5.79 -4.27
C SER D 235 11.81 -5.95 -4.49
N ARG D 236 12.26 -7.20 -4.63
CA ARG D 236 13.67 -7.52 -4.79
C ARG D 236 14.18 -7.04 -6.15
N VAL D 237 13.30 -7.08 -7.16
CA VAL D 237 13.67 -6.69 -8.51
C VAL D 237 13.87 -5.18 -8.56
N GLU D 238 12.98 -4.42 -7.92
CA GLU D 238 13.04 -2.97 -7.98
C GLU D 238 14.33 -2.47 -7.31
N ARG D 239 14.74 -3.16 -6.24
CA ARG D 239 15.96 -2.82 -5.54
C ARG D 239 17.19 -3.17 -6.39
N ALA D 240 17.00 -4.07 -7.34
CA ALA D 240 18.09 -4.57 -8.17
C ALA D 240 18.24 -3.74 -9.44
N LEU D 241 17.19 -2.95 -9.77
CA LEU D 241 17.17 -2.21 -11.03
C LEU D 241 18.39 -1.30 -11.12
N PRO D 242 18.61 -0.36 -10.16
CA PRO D 242 19.73 0.59 -10.22
C PRO D 242 21.14 0.01 -10.27
N LYS D 243 21.26 -1.33 -10.33
CA LYS D 243 22.53 -2.01 -10.29
C LYS D 243 22.82 -2.66 -11.65
N LEU D 244 21.77 -2.87 -12.43
CA LEU D 244 21.89 -3.51 -13.73
C LEU D 244 22.86 -2.71 -14.59
N THR D 245 23.78 -3.40 -15.27
CA THR D 245 24.60 -2.79 -16.31
C THR D 245 24.53 -3.62 -17.59
N VAL D 246 24.05 -4.86 -17.47
CA VAL D 246 23.99 -5.82 -18.56
C VAL D 246 23.19 -5.26 -19.73
N PRO D 247 23.67 -5.40 -20.99
CA PRO D 247 22.86 -5.04 -22.16
C PRO D 247 21.55 -5.82 -22.14
N PHE D 248 20.45 -5.16 -22.54
CA PHE D 248 19.16 -5.83 -22.63
C PHE D 248 18.28 -5.28 -23.74
N LEU D 249 17.49 -6.20 -24.31
CA LEU D 249 16.28 -5.92 -25.06
C LEU D 249 15.09 -6.21 -24.15
N LEU D 250 14.06 -5.35 -24.22
CA LEU D 250 12.83 -5.49 -23.44
C LEU D 250 11.62 -5.41 -24.35
N LEU D 251 10.76 -6.43 -24.30
CA LEU D 251 9.51 -6.45 -25.05
C LEU D 251 8.35 -6.46 -24.08
N GLN D 252 7.34 -5.62 -24.35
CA GLN D 252 6.22 -5.49 -23.44
C GLN D 252 4.95 -5.18 -24.22
N GLY D 253 3.83 -5.80 -23.79
CA GLY D 253 2.50 -5.47 -24.28
C GLY D 253 1.85 -4.37 -23.45
N SER D 254 1.08 -3.50 -24.14
CA SER D 254 0.48 -2.33 -23.51
C SER D 254 -0.80 -2.68 -22.76
N ALA D 255 -1.36 -3.87 -23.07
CA ALA D 255 -2.61 -4.35 -22.51
C ALA D 255 -2.37 -5.55 -21.59
N ASP D 256 -1.15 -5.63 -21.04
CA ASP D 256 -0.72 -6.75 -20.23
C ASP D 256 -1.38 -6.66 -18.86
N ARG D 257 -2.18 -7.69 -18.53
CA ARG D 257 -3.00 -7.65 -17.33
C ARG D 257 -2.32 -8.39 -16.18
N LEU D 258 -1.19 -9.05 -16.47
CA LEU D 258 -0.43 -9.80 -15.47
C LEU D 258 0.77 -9.00 -15.00
N CYS D 259 1.66 -8.62 -15.93
CA CYS D 259 2.74 -7.71 -15.62
C CYS D 259 2.43 -6.33 -16.20
N ASP D 260 2.33 -5.33 -15.32
CA ASP D 260 1.96 -3.99 -15.73
C ASP D 260 3.00 -3.43 -16.70
N SER D 261 2.53 -2.79 -17.77
CA SER D 261 3.43 -2.18 -18.73
C SER D 261 4.20 -1.04 -18.08
N LYS D 262 3.69 -0.53 -16.94
CA LYS D 262 4.34 0.56 -16.22
C LYS D 262 5.68 0.09 -15.66
N GLY D 263 5.81 -1.21 -15.41
CA GLY D 263 7.02 -1.79 -14.83
C GLY D 263 8.19 -1.82 -15.80
N ALA D 264 7.89 -2.03 -17.09
CA ALA D 264 8.89 -2.04 -18.14
C ALA D 264 9.52 -0.67 -18.31
N TYR D 265 8.71 0.40 -18.16
CA TYR D 265 9.22 1.76 -18.23
C TYR D 265 10.11 2.04 -17.03
N LEU D 266 9.77 1.42 -15.89
CA LEU D 266 10.53 1.60 -14.66
C LEU D 266 11.92 1.00 -14.86
N LEU D 267 11.96 -0.17 -15.49
CA LEU D 267 13.22 -0.85 -15.79
C LEU D 267 14.05 0.02 -16.74
N MET D 268 13.39 0.53 -17.78
CA MET D 268 14.00 1.41 -18.75
C MET D 268 14.71 2.57 -18.04
N GLU D 269 14.02 3.17 -17.07
CA GLU D 269 14.49 4.37 -16.40
C GLU D 269 15.61 4.04 -15.39
N LEU D 270 15.42 3.01 -14.58
CA LEU D 270 16.25 2.85 -13.39
C LEU D 270 17.57 2.14 -13.68
N ALA D 271 17.57 1.23 -14.67
CA ALA D 271 18.75 0.47 -15.06
C ALA D 271 19.86 1.42 -15.51
N LYS D 272 21.11 1.02 -15.27
CA LYS D 272 22.25 1.87 -15.57
C LYS D 272 22.88 1.47 -16.91
N SER D 273 22.35 0.40 -17.51
CA SER D 273 22.93 -0.21 -18.70
C SER D 273 23.13 0.84 -19.81
N GLN D 274 24.23 0.70 -20.55
CA GLN D 274 24.50 1.60 -21.67
C GLN D 274 23.70 1.16 -22.89
N ASP D 275 23.45 -0.15 -22.97
CA ASP D 275 22.77 -0.71 -24.13
C ASP D 275 21.40 -1.24 -23.71
N LYS D 276 20.39 -0.38 -23.80
CA LYS D 276 19.03 -0.76 -23.47
C LYS D 276 18.06 -0.28 -24.54
N THR D 277 17.11 -1.17 -24.88
CA THR D 277 16.14 -0.97 -25.94
C THR D 277 14.78 -1.46 -25.43
N LEU D 278 13.72 -0.69 -25.71
CA LEU D 278 12.36 -1.09 -25.38
C LEU D 278 11.52 -1.20 -26.66
N LYS D 279 10.63 -2.20 -26.69
CA LYS D 279 9.64 -2.29 -27.75
C LYS D 279 8.27 -2.61 -27.15
N ILE D 280 7.31 -1.71 -27.43
CA ILE D 280 5.96 -1.79 -26.90
C ILE D 280 5.04 -2.26 -28.02
N TYR D 281 4.29 -3.34 -27.74
CA TYR D 281 3.27 -3.82 -28.65
C TYR D 281 1.90 -3.32 -28.18
N GLU D 282 1.35 -2.38 -28.94
CA GLU D 282 0.10 -1.70 -28.60
C GLU D 282 -1.08 -2.67 -28.72
N GLY D 283 -1.72 -2.92 -27.58
CA GLY D 283 -2.92 -3.73 -27.50
C GLY D 283 -2.63 -5.19 -27.13
N ALA D 284 -1.35 -5.59 -27.24
CA ALA D 284 -0.98 -6.98 -27.02
C ALA D 284 -1.00 -7.32 -25.54
N TYR D 285 -1.25 -8.59 -25.25
CA TYR D 285 -1.37 -9.10 -23.90
C TYR D 285 0.02 -9.49 -23.35
N HIS D 286 0.08 -10.65 -22.68
CA HIS D 286 1.19 -10.98 -21.81
C HIS D 286 2.24 -11.84 -22.50
N VAL D 287 1.80 -12.89 -23.20
CA VAL D 287 2.74 -13.86 -23.72
C VAL D 287 3.06 -13.49 -25.17
N LEU D 288 3.90 -12.46 -25.32
CA LEU D 288 4.15 -11.81 -26.61
C LEU D 288 4.72 -12.80 -27.65
N HIS D 289 5.37 -13.87 -27.18
CA HIS D 289 5.95 -14.87 -28.07
C HIS D 289 4.88 -15.88 -28.48
N LYS D 290 3.69 -15.77 -27.89
CA LYS D 290 2.57 -16.61 -28.26
C LYS D 290 1.33 -15.74 -28.47
N GLU D 291 1.53 -14.57 -29.07
CA GLU D 291 0.47 -13.61 -29.30
C GLU D 291 -0.05 -13.79 -30.73
N LEU D 292 -0.67 -12.73 -31.26
CA LEU D 292 -1.16 -12.73 -32.63
C LEU D 292 0.02 -12.76 -33.59
N PRO D 293 -0.08 -13.45 -34.75
CA PRO D 293 1.03 -13.57 -35.69
C PRO D 293 1.89 -12.32 -35.84
N GLU D 294 1.24 -11.18 -36.15
CA GLU D 294 1.95 -9.94 -36.43
C GLU D 294 2.91 -9.61 -35.30
N VAL D 295 2.40 -9.70 -34.07
CA VAL D 295 3.18 -9.45 -32.87
C VAL D 295 4.25 -10.53 -32.73
N THR D 296 3.81 -11.80 -32.76
CA THR D 296 4.67 -12.96 -32.59
C THR D 296 5.82 -12.92 -33.59
N ASN D 297 5.51 -12.60 -34.86
CA ASN D 297 6.51 -12.63 -35.92
C ASN D 297 7.56 -11.54 -35.68
N SER D 298 7.08 -10.39 -35.18
CA SER D 298 7.91 -9.24 -34.87
C SER D 298 8.84 -9.58 -33.69
N VAL D 299 8.28 -10.24 -32.67
CA VAL D 299 8.98 -10.61 -31.45
C VAL D 299 10.17 -11.51 -31.81
N PHE D 300 9.90 -12.57 -32.57
CA PHE D 300 10.95 -13.48 -33.05
C PHE D 300 11.98 -12.69 -33.86
N HIS D 301 11.51 -11.74 -34.68
CA HIS D 301 12.38 -11.00 -35.59
C HIS D 301 13.31 -10.06 -34.81
N GLU D 302 12.76 -9.35 -33.83
CA GLU D 302 13.54 -8.39 -33.05
C GLU D 302 14.55 -9.10 -32.16
N ILE D 303 14.20 -10.31 -31.70
CA ILE D 303 15.10 -11.08 -30.86
C ILE D 303 16.21 -11.66 -31.74
N ASN D 304 15.82 -12.15 -32.92
CA ASN D 304 16.77 -12.67 -33.89
C ASN D 304 17.82 -11.61 -34.22
N MET D 305 17.36 -10.37 -34.49
CA MET D 305 18.22 -9.26 -34.87
C MET D 305 19.15 -8.90 -33.71
N TRP D 306 18.54 -8.59 -32.56
CA TRP D 306 19.22 -8.09 -31.37
C TRP D 306 20.33 -9.05 -30.94
N VAL D 307 20.03 -10.35 -30.95
CA VAL D 307 20.99 -11.37 -30.54
C VAL D 307 22.08 -11.52 -31.61
N SER D 308 21.69 -11.39 -32.89
CA SER D 308 22.60 -11.58 -34.00
C SER D 308 23.64 -10.47 -34.06
N GLN D 309 23.26 -9.28 -33.58
CA GLN D 309 24.16 -8.13 -33.61
C GLN D 309 25.20 -8.24 -32.49
N ARG D 310 24.92 -9.05 -31.46
CA ARG D 310 25.73 -9.03 -30.24
C ARG D 310 26.52 -10.33 -30.07
N THR D 311 26.49 -11.18 -31.09
CA THR D 311 27.28 -12.40 -31.14
C THR D 311 28.07 -12.40 -32.46
C ACT E . -26.61 0.55 33.39
O ACT E . -27.18 0.45 32.30
OXT ACT E . -27.13 0.23 34.48
CH3 ACT E . -25.17 1.09 33.42
C ACT F . -28.12 -18.44 9.30
O ACT F . -28.04 -19.25 8.36
OXT ACT F . -27.14 -17.76 9.70
CH3 ACT F . -29.46 -18.25 10.00
C4 XOM G . -23.99 -23.14 10.74
C5 XOM G . -23.48 -23.56 8.03
C6 XOM G . -22.59 -22.84 8.83
C7 XOM G . -32.17 -17.67 16.12
C8 XOM G . -26.99 -18.79 14.27
C10 XOM G . -29.62 -19.51 14.07
C13 XOM G . -31.38 -17.48 13.94
C15 XOM G . -25.84 -21.26 12.40
C17 XOM G . -23.20 -23.78 6.60
C1 XOM G . -24.90 -23.86 9.96
C2 XOM G . -24.65 -24.08 8.61
C3 XOM G . -22.83 -22.63 10.18
C9 XOM G . -29.12 -17.78 15.26
C11 XOM G . -27.25 -20.77 12.73
C12 XOM G . -25.37 -20.59 13.70
C14 XOM G . -28.46 -18.47 14.05
C16 XOM G . -30.46 -18.40 14.74
C18 XOM G . -24.30 -22.94 12.17
N19 XOM G . -31.36 -18.75 15.82
N20 XOM G . -26.50 -19.76 13.44
O21 XOM G . -32.78 -17.46 17.17
O22 XOM G . -26.29 -18.23 15.09
O23 XOM G . -32.18 -16.86 15.00
O24 XOM G . -25.67 -22.66 12.31
CL25 XOM G . -21.17 -22.22 8.10
C ACT H . 12.97 0.34 26.27
O ACT H . 13.54 1.14 25.51
OXT ACT H . 12.12 -0.49 25.87
CH3 ACT H . 13.31 0.37 27.77
C ACT I . -12.53 13.91 37.00
O ACT I . -11.77 14.17 37.94
OXT ACT I . -13.55 14.59 36.73
CH3 ACT I . -12.22 12.71 36.10
C4 XOM J . -10.52 19.74 38.47
C5 XOM J . -12.57 20.29 40.24
C6 XOM J . -11.35 19.80 40.70
C7 XOM J . -9.27 13.09 29.58
C8 XOM J . -8.15 15.35 34.60
C10 XOM J . -9.87 15.23 32.57
C13 XOM J . -10.37 12.81 31.59
C15 XOM J . -9.82 17.67 36.23
C17 XOM J . -13.66 20.58 41.21
C1 XOM J . -11.73 20.23 37.99
C2 XOM J . -12.77 20.51 38.88
C3 XOM J . -10.30 19.52 39.83
C9 XOM J . -8.20 13.91 32.46
C11 XOM J . -10.02 17.03 34.86
C12 XOM J . -8.33 17.31 36.15
C14 XOM J . -9.00 14.54 33.64
C16 XOM J . -9.50 14.05 31.66
C18 XOM J . -9.46 19.48 37.49
N19 XOM J . -9.31 14.31 30.24
N20 XOM J . -8.86 16.29 35.29
O21 XOM J . -8.79 12.85 28.46
O22 XOM J . -6.96 15.19 34.79
O23 XOM J . -9.83 12.14 30.41
O24 XOM J . -10.10 19.04 36.31
CL25 XOM J . -11.14 19.55 42.37
C ACT K . 16.79 16.74 -57.20
O ACT K . 16.89 15.50 -57.12
OXT ACT K . 17.73 17.52 -56.99
CH3 ACT K . 15.42 17.32 -57.58
C ACT L . 17.63 27.01 -27.89
O ACT L . 16.70 27.68 -28.41
OXT ACT L . 17.74 26.82 -26.67
CH3 ACT L . 18.69 26.42 -28.83
C4 XOM M . 12.96 23.61 -24.92
C5 XOM M . 12.14 25.83 -23.39
C6 XOM M . 11.45 25.45 -24.56
C7 XOM M . 21.28 21.21 -32.06
C8 XOM M . 16.00 22.76 -30.43
C10 XOM M . 18.54 22.15 -29.68
C13 XOM M . 20.49 23.17 -31.15
C15 XOM M . 14.90 23.28 -27.31
C17 XOM M . 11.71 27.00 -22.58
C1 XOM M . 13.65 23.98 -23.76
C2 XOM M . 13.25 25.07 -23.00
C3 XOM M . 11.85 24.35 -25.32
C9 XOM M . 18.18 22.12 -31.78
C11 XOM M . 16.29 23.16 -27.95
C12 XOM M . 14.32 22.63 -28.57
C14 XOM M . 17.51 22.88 -30.60
C16 XOM M . 19.46 22.09 -30.92
C18 XOM M . 13.39 22.42 -25.73
N19 XOM M . 20.31 20.92 -31.11
N20 XOM M . 15.53 23.11 -29.18
O21 XOM M . 21.99 20.44 -32.70
O22 XOM M . 15.23 22.43 -31.32
O23 XOM M . 21.32 22.57 -32.18
O24 XOM M . 14.75 22.54 -26.10
CL25 XOM M . 10.09 26.34 -25.08
C ACT N . 25.24 -31.12 -23.20
O ACT N . 26.02 -30.46 -23.92
OXT ACT N . 24.17 -31.63 -23.60
CH3 ACT N . 25.61 -31.33 -21.71
C ACT O . -0.28 -17.54 -12.88
O ACT O . 0.61 -17.78 -12.05
OXT ACT O . -1.29 -16.84 -12.65
CH3 ACT O . -0.12 -18.14 -14.29
C4 XOM P . 1.65 -11.79 -10.71
C5 XOM P . 0.12 -11.68 -8.38
C6 XOM P . 1.50 -11.49 -8.33
C7 XOM P . 2.91 -18.57 -20.09
C8 XOM P . 4.10 -16.03 -15.04
C10 XOM P . 2.55 -16.25 -17.23
C13 XOM P . 2.00 -18.76 -17.99
C15 XOM P . 2.62 -13.32 -13.82
C17 XOM P . -0.70 -11.62 -7.15
C1 XOM P . 0.27 -11.98 -10.77
C2 XOM P . -0.51 -11.93 -9.61
C3 XOM P . 2.28 -11.54 -9.49
C9 XOM P . 4.16 -17.62 -17.07
C11 XOM P . 2.06 -14.59 -14.47
C12 XOM P . 3.78 -14.20 -13.31
C14 XOM P . 3.29 -16.87 -16.02
C16 XOM P . 2.92 -17.55 -17.99
C18 XOM P . 2.47 -11.85 -11.96
N19 XOM P . 3.21 -17.42 -19.41
N20 XOM P . 3.46 -14.93 -14.52
O21 XOM P . 3.09 -18.80 -21.28
O22 XOM P . 5.26 -16.28 -14.75
O23 XOM P . 2.36 -19.47 -19.20
O24 XOM P . 1.77 -12.67 -12.88
CL25 XOM P . 2.26 -11.19 -6.82
#